data_2FFV
#
_entry.id   2FFV
#
_cell.length_a   153.228
_cell.length_b   153.228
_cell.length_c   110.144
_cell.angle_alpha   90.00
_cell.angle_beta   90.00
_cell.angle_gamma   90.00
#
_symmetry.space_group_name_H-M   'P 41 21 2'
#
loop_
_entity.id
_entity.type
_entity.pdbx_description
1 polymer 'Polypeptide N-acetylgalactosaminyltransferase 2'
2 non-polymer 'MANGANESE (II) ION'
3 non-polymer "URIDINE-5'-DIPHOSPHATE"
#
_entity_poly.entity_id   1
_entity_poly.type   'polypeptide(L)'
_entity_poly.pdbx_seq_one_letter_code
;SDALKVRWPDFNQEAYVGGTMVRSGQDPYARNKFNQVESDKLRMDRAIPDTRHDQCQRKQWRVDLPATSVVITFHNEARS
ALLRTVVSVLKKSPPHLIKEIILVDDYSNDPEDGALLGKIEKVRVLRNDRREGLMRSRVRGADAAQAKVLTFLDSHCECN
EHWLEPLLERVAEDRTRVVSPIIDVINMDNFQYVGASADLKGGFDWNLVFKWDYMTPEQRRSRQGNPVAPIKTPMIAGGL
FVMDKFYFEELGKYDMMMDVWGGENLEISFRVWQCGGSLEIIPCSRVGHVFRKQHPYTFPGGSGTVFARNTRRAAEVWMD
EYKNFYYAAVPSARNVPYGNIQSRLELRKKLSCKPFKWYLENVYPELRVPDHQDIAFGALQQGTNCLDTLGHFADGVVGV
YECHNAGGNQEWALTKEKSVKHMDLCLTVVDRAPGSLIKLQGCRENDSRQKWEQIEGNSKLRHVGSNLCLDSRTAKSGGL
SVEVCGPALSQQWKFTLNLQQ
;
_entity_poly.pdbx_strand_id   A,B
#
# COMPACT_ATOMS: atom_id res chain seq x y z
N ASP A 2 -44.16 -37.39 0.21
CA ASP A 2 -45.28 -36.50 0.64
C ASP A 2 -45.79 -36.88 2.03
N ALA A 3 -45.97 -38.18 2.25
CA ALA A 3 -46.46 -38.68 3.53
C ALA A 3 -45.34 -38.73 4.56
N LEU A 4 -44.11 -38.90 4.08
CA LEU A 4 -42.97 -38.97 4.98
C LEU A 4 -42.26 -37.64 5.17
N LYS A 5 -42.60 -36.64 4.35
CA LYS A 5 -41.97 -35.32 4.44
C LYS A 5 -42.82 -34.30 5.19
N VAL A 6 -42.22 -33.17 5.54
CA VAL A 6 -42.91 -32.10 6.24
C VAL A 6 -42.25 -30.76 5.90
N ARG A 7 -43.03 -29.68 5.94
CA ARG A 7 -42.51 -28.34 5.68
C ARG A 7 -41.61 -27.97 6.85
N TRP A 8 -40.63 -27.10 6.65
CA TRP A 8 -39.74 -26.77 7.76
C TRP A 8 -40.44 -26.06 8.93
N PRO A 9 -41.47 -25.23 8.67
CA PRO A 9 -42.10 -24.58 9.82
C PRO A 9 -42.69 -25.61 10.80
N ASP A 10 -43.08 -26.76 10.28
CA ASP A 10 -43.65 -27.78 11.13
C ASP A 10 -42.62 -28.67 11.78
N PHE A 11 -41.36 -28.53 11.39
CA PHE A 11 -40.31 -29.37 11.96
C PHE A 11 -40.17 -29.17 13.46
N ASN A 12 -40.09 -30.26 14.20
CA ASN A 12 -39.95 -30.18 15.65
C ASN A 12 -38.50 -29.98 16.05
N GLN A 13 -38.06 -28.73 16.06
CA GLN A 13 -36.68 -28.39 16.42
C GLN A 13 -36.34 -28.64 17.89
N GLU A 14 -37.33 -28.47 18.78
CA GLU A 14 -37.09 -28.69 20.20
C GLU A 14 -36.57 -30.10 20.43
N ALA A 15 -37.32 -31.09 19.94
CA ALA A 15 -36.93 -32.48 20.11
C ALA A 15 -35.60 -32.73 19.43
N TYR A 16 -35.42 -32.20 18.23
CA TYR A 16 -34.18 -32.37 17.50
C TYR A 16 -32.96 -31.93 18.31
N VAL A 17 -32.97 -30.68 18.72
CA VAL A 17 -31.86 -30.15 19.48
C VAL A 17 -31.77 -30.73 20.89
N GLY A 18 -32.89 -31.24 21.40
CA GLY A 18 -32.92 -31.79 22.74
C GLY A 18 -32.10 -33.04 23.08
N GLY A 19 -31.72 -33.86 22.10
CA GLY A 19 -30.96 -35.06 22.43
C GLY A 19 -29.70 -35.29 21.61
N PRO A 28 -19.15 -26.00 26.86
CA PRO A 28 -20.00 -25.92 25.68
C PRO A 28 -19.19 -25.70 24.39
N TYR A 29 -17.86 -25.64 24.54
CA TYR A 29 -16.98 -25.39 23.39
C TYR A 29 -16.29 -26.65 22.88
N ALA A 30 -15.99 -27.58 23.78
CA ALA A 30 -15.32 -28.82 23.41
C ALA A 30 -15.88 -29.36 22.08
N ARG A 31 -17.04 -30.00 22.15
CA ARG A 31 -17.68 -30.62 21.00
C ARG A 31 -17.62 -29.95 19.61
N ASN A 32 -17.41 -28.63 19.55
CA ASN A 32 -17.35 -27.95 18.24
C ASN A 32 -16.55 -26.64 18.14
N LYS A 33 -15.81 -26.29 19.17
CA LYS A 33 -15.04 -25.05 19.15
C LYS A 33 -15.85 -23.80 18.75
N PHE A 34 -16.87 -23.54 19.57
CA PHE A 34 -17.82 -22.41 19.50
C PHE A 34 -18.99 -22.73 20.44
N ASN A 35 -19.55 -21.69 21.05
CA ASN A 35 -20.64 -21.83 22.01
C ASN A 35 -21.90 -22.54 21.54
N GLN A 36 -21.97 -23.83 21.84
CA GLN A 36 -23.13 -24.62 21.46
C GLN A 36 -24.35 -24.20 22.26
N VAL A 37 -24.13 -23.91 23.55
CA VAL A 37 -25.20 -23.48 24.45
C VAL A 37 -25.95 -22.28 23.87
N GLU A 38 -25.18 -21.33 23.34
CA GLU A 38 -25.74 -20.14 22.76
C GLU A 38 -26.41 -20.46 21.43
N SER A 39 -25.84 -21.42 20.69
CA SER A 39 -26.38 -21.83 19.39
C SER A 39 -27.80 -22.39 19.55
N ASP A 40 -27.96 -23.23 20.56
CA ASP A 40 -29.23 -23.86 20.82
C ASP A 40 -30.33 -22.88 21.28
N LYS A 41 -29.93 -21.71 21.77
CA LYS A 41 -30.90 -20.72 22.22
C LYS A 41 -31.65 -20.14 21.04
N LEU A 42 -30.99 -20.07 19.88
CA LEU A 42 -31.62 -19.51 18.69
C LEU A 42 -32.62 -20.47 18.06
N ARG A 43 -33.63 -19.92 17.38
CA ARG A 43 -34.64 -20.73 16.70
C ARG A 43 -34.02 -21.09 15.36
N MET A 44 -34.46 -22.19 14.80
CA MET A 44 -33.95 -22.67 13.52
C MET A 44 -34.05 -21.61 12.44
N ASP A 45 -35.02 -20.70 12.59
CA ASP A 45 -35.22 -19.66 11.60
C ASP A 45 -35.03 -18.24 12.15
N ARG A 46 -34.21 -18.12 13.18
CA ARG A 46 -33.95 -16.81 13.79
C ARG A 46 -33.64 -15.77 12.70
N ALA A 47 -34.11 -14.55 12.91
CA ALA A 47 -33.90 -13.46 11.96
C ALA A 47 -32.49 -12.85 12.02
N ILE A 48 -31.96 -12.48 10.86
CA ILE A 48 -30.65 -11.85 10.80
C ILE A 48 -30.72 -10.55 9.97
N PRO A 49 -29.88 -9.57 10.30
CA PRO A 49 -29.77 -8.26 9.65
C PRO A 49 -29.50 -8.37 8.17
N ASP A 50 -30.12 -7.51 7.35
CA ASP A 50 -29.85 -7.55 5.90
C ASP A 50 -28.56 -6.76 5.67
N THR A 51 -27.44 -7.46 5.65
CA THR A 51 -26.15 -6.80 5.48
C THR A 51 -25.80 -6.43 4.04
N ARG A 52 -26.78 -6.39 3.16
CA ARG A 52 -26.54 -6.05 1.76
C ARG A 52 -26.47 -4.56 1.52
N HIS A 53 -25.86 -4.18 0.39
CA HIS A 53 -25.76 -2.80 0.01
C HIS A 53 -27.14 -2.39 -0.50
N ASP A 54 -27.52 -1.16 -0.20
CA ASP A 54 -28.80 -0.62 -0.61
C ASP A 54 -29.15 -1.01 -2.05
N GLN A 55 -28.16 -0.89 -2.94
CA GLN A 55 -28.32 -1.19 -4.36
C GLN A 55 -28.92 -2.56 -4.68
N CYS A 56 -28.50 -3.58 -3.94
CA CYS A 56 -28.97 -4.96 -4.14
C CYS A 56 -30.47 -5.04 -3.93
N GLN A 57 -30.92 -4.38 -2.87
CA GLN A 57 -32.31 -4.32 -2.46
C GLN A 57 -33.27 -4.01 -3.62
N ARG A 58 -32.95 -2.98 -4.40
CA ARG A 58 -33.77 -2.62 -5.54
C ARG A 58 -33.14 -3.19 -6.80
N LYS A 59 -33.21 -4.51 -6.94
CA LYS A 59 -32.64 -5.17 -8.10
C LYS A 59 -33.47 -6.39 -8.51
N GLN A 60 -33.59 -6.61 -9.82
CA GLN A 60 -34.37 -7.71 -10.35
C GLN A 60 -33.44 -8.83 -10.83
N TRP A 61 -33.89 -10.07 -10.69
CA TRP A 61 -33.06 -11.18 -11.14
C TRP A 61 -33.86 -12.00 -12.16
N ARG A 62 -33.21 -12.40 -13.25
CA ARG A 62 -33.88 -13.22 -14.30
C ARG A 62 -34.55 -14.45 -13.68
N VAL A 63 -35.83 -14.67 -14.00
CA VAL A 63 -36.57 -15.79 -13.46
C VAL A 63 -36.08 -17.14 -14.00
N ASP A 64 -35.46 -17.11 -15.17
CA ASP A 64 -34.95 -18.32 -15.81
C ASP A 64 -33.59 -18.79 -15.28
N LEU A 65 -33.27 -18.41 -14.05
CA LEU A 65 -32.01 -18.84 -13.47
C LEU A 65 -32.06 -20.33 -13.25
N PRO A 66 -30.99 -21.05 -13.63
CA PRO A 66 -30.98 -22.50 -13.44
C PRO A 66 -31.05 -22.90 -11.98
N ALA A 67 -31.86 -23.92 -11.69
CA ALA A 67 -32.01 -24.41 -10.33
C ALA A 67 -30.66 -24.97 -9.88
N THR A 68 -30.48 -25.12 -8.57
CA THR A 68 -29.23 -25.63 -8.06
C THR A 68 -29.43 -26.70 -7.02
N SER A 69 -28.39 -27.51 -6.82
CA SER A 69 -28.43 -28.54 -5.80
C SER A 69 -27.53 -28.00 -4.70
N VAL A 70 -28.04 -27.94 -3.47
CA VAL A 70 -27.23 -27.45 -2.37
C VAL A 70 -26.56 -28.61 -1.64
N VAL A 71 -25.24 -28.64 -1.65
CA VAL A 71 -24.52 -29.72 -0.98
C VAL A 71 -23.89 -29.23 0.32
N ILE A 72 -24.34 -29.77 1.44
CA ILE A 72 -23.80 -29.41 2.75
C ILE A 72 -23.15 -30.65 3.32
N THR A 73 -21.85 -30.57 3.55
CA THR A 73 -21.09 -31.69 4.07
C THR A 73 -20.73 -31.44 5.53
N PHE A 74 -20.63 -32.49 6.35
CA PHE A 74 -20.34 -32.28 7.77
C PHE A 74 -19.87 -33.50 8.59
N HIS A 75 -19.21 -33.21 9.71
CA HIS A 75 -18.72 -34.26 10.61
C HIS A 75 -18.91 -33.83 12.06
N ASN A 76 -19.93 -34.38 12.71
CA ASN A 76 -20.22 -34.02 14.10
C ASN A 76 -20.37 -32.52 14.20
N GLU A 77 -21.56 -32.04 13.87
CA GLU A 77 -21.86 -30.63 13.91
C GLU A 77 -22.92 -30.43 14.98
N ALA A 78 -23.02 -29.22 15.51
CA ALA A 78 -24.02 -28.91 16.52
C ALA A 78 -25.37 -28.94 15.80
N ARG A 79 -26.32 -29.69 16.34
CA ARG A 79 -27.63 -29.82 15.72
C ARG A 79 -28.31 -28.49 15.39
N SER A 80 -28.29 -27.56 16.33
CA SER A 80 -28.90 -26.27 16.12
C SER A 80 -28.28 -25.60 14.90
N ALA A 81 -26.96 -25.62 14.83
CA ALA A 81 -26.26 -24.99 13.71
C ALA A 81 -26.58 -25.66 12.38
N LEU A 82 -26.57 -26.99 12.37
CA LEU A 82 -26.86 -27.71 11.15
C LEU A 82 -28.25 -27.34 10.66
N LEU A 83 -29.23 -27.55 11.53
CA LEU A 83 -30.62 -27.26 11.23
C LEU A 83 -30.81 -25.82 10.81
N ARG A 84 -30.19 -24.89 11.53
CA ARG A 84 -30.34 -23.50 11.19
C ARG A 84 -29.79 -23.20 9.79
N THR A 85 -28.86 -24.01 9.34
CA THR A 85 -28.28 -23.82 8.02
C THR A 85 -29.31 -24.27 6.99
N VAL A 86 -29.80 -25.50 7.14
CA VAL A 86 -30.80 -26.03 6.22
C VAL A 86 -32.01 -25.11 6.02
N VAL A 87 -32.70 -24.76 7.10
CA VAL A 87 -33.88 -23.91 6.93
C VAL A 87 -33.45 -22.54 6.44
N SER A 88 -32.20 -22.17 6.71
CA SER A 88 -31.70 -20.89 6.25
C SER A 88 -31.84 -20.87 4.73
N VAL A 89 -31.45 -21.97 4.10
CA VAL A 89 -31.51 -22.11 2.64
C VAL A 89 -32.96 -22.14 2.17
N LEU A 90 -33.76 -23.01 2.79
CA LEU A 90 -35.15 -23.17 2.44
C LEU A 90 -35.97 -21.89 2.52
N LYS A 91 -35.70 -21.08 3.54
CA LYS A 91 -36.46 -19.85 3.72
C LYS A 91 -35.94 -18.64 2.98
N LYS A 92 -34.65 -18.56 2.77
CA LYS A 92 -34.08 -17.39 2.12
C LYS A 92 -33.93 -17.42 0.63
N SER A 93 -34.32 -18.52 -0.01
CA SER A 93 -34.20 -18.60 -1.46
C SER A 93 -35.46 -19.13 -2.15
N PRO A 94 -35.71 -18.67 -3.40
CA PRO A 94 -36.87 -19.06 -4.20
C PRO A 94 -36.97 -20.57 -4.28
N PRO A 95 -38.06 -21.15 -3.75
CA PRO A 95 -38.25 -22.60 -3.78
C PRO A 95 -37.95 -23.27 -5.11
N HIS A 96 -38.22 -22.56 -6.22
CA HIS A 96 -38.00 -23.14 -7.53
C HIS A 96 -36.56 -23.19 -7.99
N LEU A 97 -35.65 -22.57 -7.24
CA LEU A 97 -34.25 -22.58 -7.62
C LEU A 97 -33.51 -23.60 -6.77
N ILE A 98 -34.23 -24.24 -5.87
CA ILE A 98 -33.63 -25.24 -5.00
C ILE A 98 -34.16 -26.64 -5.23
N LYS A 99 -33.55 -27.30 -6.22
CA LYS A 99 -33.86 -28.66 -6.65
C LYS A 99 -33.81 -29.58 -5.46
N GLU A 100 -32.79 -29.41 -4.63
CA GLU A 100 -32.66 -30.26 -3.45
C GLU A 100 -31.52 -29.82 -2.53
N ILE A 101 -31.62 -30.19 -1.27
CA ILE A 101 -30.56 -29.91 -0.32
C ILE A 101 -30.02 -31.28 0.09
N ILE A 102 -28.79 -31.57 -0.33
CA ILE A 102 -28.14 -32.83 -0.04
C ILE A 102 -27.21 -32.72 1.15
N LEU A 103 -27.48 -33.49 2.19
CA LEU A 103 -26.65 -33.48 3.37
C LEU A 103 -25.77 -34.73 3.39
N VAL A 104 -24.45 -34.51 3.33
CA VAL A 104 -23.50 -35.61 3.36
C VAL A 104 -22.98 -35.69 4.77
N ASP A 105 -23.49 -36.67 5.51
CA ASP A 105 -23.07 -36.88 6.89
C ASP A 105 -21.71 -37.58 6.85
N ASP A 106 -20.63 -36.82 6.96
CA ASP A 106 -19.32 -37.44 6.91
C ASP A 106 -19.00 -38.20 8.18
N TYR A 107 -19.66 -39.34 8.34
CA TYR A 107 -19.44 -40.22 9.47
C TYR A 107 -19.51 -39.60 10.87
N SER A 108 -20.60 -38.91 11.16
CA SER A 108 -20.78 -38.32 12.50
C SER A 108 -21.05 -39.44 13.51
N ASN A 109 -20.62 -39.26 14.75
CA ASN A 109 -20.84 -40.29 15.77
C ASN A 109 -22.31 -40.67 15.88
N ASP A 110 -23.21 -39.72 15.69
CA ASP A 110 -24.64 -40.01 15.79
C ASP A 110 -25.37 -39.86 14.45
N PRO A 111 -25.68 -41.00 13.80
CA PRO A 111 -26.39 -40.99 12.51
C PRO A 111 -27.62 -40.10 12.50
N GLU A 112 -28.31 -40.05 13.63
CA GLU A 112 -29.53 -39.26 13.79
C GLU A 112 -29.41 -37.77 13.52
N ASP A 113 -28.23 -37.20 13.78
CA ASP A 113 -28.04 -35.77 13.54
C ASP A 113 -28.48 -35.43 12.12
N GLY A 114 -28.09 -36.24 11.15
CA GLY A 114 -28.47 -35.99 9.77
C GLY A 114 -29.77 -36.68 9.41
N ALA A 115 -29.96 -37.87 9.97
CA ALA A 115 -31.15 -38.67 9.73
C ALA A 115 -32.44 -37.91 9.99
N LEU A 116 -32.62 -37.44 11.22
CA LEU A 116 -33.82 -36.72 11.61
C LEU A 116 -34.20 -35.57 10.71
N LEU A 117 -33.28 -35.09 9.88
CA LEU A 117 -33.57 -33.97 8.98
C LEU A 117 -34.09 -34.41 7.60
N GLY A 118 -34.03 -35.71 7.34
CA GLY A 118 -34.52 -36.21 6.08
C GLY A 118 -36.02 -35.98 6.00
N LYS A 119 -36.65 -35.84 7.15
CA LYS A 119 -38.09 -35.60 7.19
C LYS A 119 -38.50 -34.31 6.50
N ILE A 120 -37.58 -33.34 6.44
CA ILE A 120 -37.87 -32.04 5.83
C ILE A 120 -37.85 -32.00 4.32
N GLU A 121 -38.76 -31.20 3.77
CA GLU A 121 -38.90 -30.99 2.32
C GLU A 121 -37.57 -30.67 1.65
N LYS A 122 -37.29 -31.35 0.55
CA LYS A 122 -36.06 -31.12 -0.23
C LYS A 122 -34.80 -31.82 0.31
N VAL A 123 -34.69 -31.94 1.63
CA VAL A 123 -33.52 -32.55 2.25
C VAL A 123 -33.35 -34.06 2.05
N ARG A 124 -32.26 -34.44 1.40
CA ARG A 124 -31.91 -35.84 1.19
C ARG A 124 -30.60 -35.97 1.96
N VAL A 125 -30.42 -37.05 2.72
CA VAL A 125 -29.19 -37.17 3.46
C VAL A 125 -28.39 -38.44 3.18
N LEU A 126 -27.13 -38.26 2.82
CA LEU A 126 -26.19 -39.35 2.51
C LEU A 126 -25.24 -39.61 3.68
N ARG A 127 -24.87 -40.86 3.89
CA ARG A 127 -23.96 -41.21 4.98
C ARG A 127 -22.68 -41.91 4.51
N ASN A 128 -21.62 -41.78 5.29
CA ASN A 128 -20.34 -42.37 4.96
C ASN A 128 -19.96 -43.51 5.89
N ASP A 129 -19.45 -44.61 5.31
CA ASP A 129 -19.03 -45.78 6.07
C ASP A 129 -17.94 -45.41 7.05
N ARG A 130 -17.15 -44.42 6.66
CA ARG A 130 -16.04 -43.97 7.48
C ARG A 130 -15.74 -42.52 7.17
N ARG A 131 -15.00 -41.89 8.06
CA ARG A 131 -14.63 -40.49 7.89
C ARG A 131 -13.94 -40.34 6.56
N GLU A 132 -14.44 -39.45 5.72
CA GLU A 132 -13.85 -39.26 4.40
C GLU A 132 -13.30 -37.84 4.23
N GLY A 133 -13.72 -36.93 5.09
CA GLY A 133 -13.26 -35.56 5.02
C GLY A 133 -14.09 -34.73 4.04
N LEU A 134 -13.94 -33.42 4.11
CA LEU A 134 -14.68 -32.52 3.25
C LEU A 134 -14.51 -32.72 1.73
N MET A 135 -13.28 -32.87 1.25
CA MET A 135 -13.04 -33.04 -0.17
C MET A 135 -13.81 -34.22 -0.79
N ARG A 136 -13.70 -35.41 -0.19
CA ARG A 136 -14.41 -36.58 -0.73
C ARG A 136 -15.91 -36.40 -0.62
N SER A 137 -16.36 -36.01 0.56
CA SER A 137 -17.78 -35.82 0.80
C SER A 137 -18.45 -34.89 -0.21
N ARG A 138 -17.81 -33.77 -0.52
CA ARG A 138 -18.37 -32.83 -1.48
C ARG A 138 -18.41 -33.46 -2.86
N VAL A 139 -17.43 -34.31 -3.16
CA VAL A 139 -17.42 -34.98 -4.46
C VAL A 139 -18.62 -35.94 -4.49
N ARG A 140 -18.82 -36.65 -3.38
CA ARG A 140 -19.94 -37.58 -3.26
C ARG A 140 -21.22 -36.80 -3.53
N GLY A 141 -21.37 -35.69 -2.81
CA GLY A 141 -22.56 -34.87 -2.97
C GLY A 141 -22.76 -34.39 -4.39
N ALA A 142 -21.72 -33.86 -5.01
CA ALA A 142 -21.78 -33.35 -6.38
C ALA A 142 -22.30 -34.40 -7.36
N ASP A 143 -21.93 -35.65 -7.11
CA ASP A 143 -22.37 -36.73 -7.98
C ASP A 143 -23.84 -37.06 -7.80
N ALA A 144 -24.28 -37.09 -6.54
CA ALA A 144 -25.66 -37.39 -6.21
C ALA A 144 -26.59 -36.25 -6.62
N ALA A 145 -26.00 -35.08 -6.88
CA ALA A 145 -26.74 -33.89 -7.27
C ALA A 145 -27.39 -34.08 -8.64
N GLN A 146 -28.58 -33.50 -8.82
CA GLN A 146 -29.29 -33.61 -10.10
C GLN A 146 -29.45 -32.29 -10.84
N ALA A 147 -29.21 -31.18 -10.15
CA ALA A 147 -29.32 -29.88 -10.78
C ALA A 147 -28.10 -29.65 -11.68
N LYS A 148 -28.13 -28.60 -12.48
CA LYS A 148 -27.00 -28.31 -13.36
C LYS A 148 -25.94 -27.52 -12.62
N VAL A 149 -26.37 -26.76 -11.62
CA VAL A 149 -25.46 -25.94 -10.85
C VAL A 149 -25.33 -26.38 -9.40
N LEU A 150 -24.12 -26.30 -8.87
CA LEU A 150 -23.83 -26.70 -7.50
C LEU A 150 -23.61 -25.55 -6.53
N THR A 151 -24.05 -25.74 -5.30
CA THR A 151 -23.87 -24.73 -4.26
C THR A 151 -23.34 -25.42 -3.01
N PHE A 152 -22.07 -25.18 -2.70
CA PHE A 152 -21.45 -25.80 -1.51
C PHE A 152 -21.50 -24.88 -0.31
N LEU A 153 -21.95 -25.40 0.82
CA LEU A 153 -22.04 -24.62 2.06
C LEU A 153 -21.64 -25.45 3.29
N ASP A 154 -21.12 -24.81 4.32
CA ASP A 154 -20.74 -25.51 5.54
C ASP A 154 -21.97 -25.78 6.42
N SER A 155 -21.82 -26.73 7.35
CA SER A 155 -22.88 -27.11 8.26
C SER A 155 -23.16 -26.05 9.32
N HIS A 156 -22.53 -24.89 9.18
CA HIS A 156 -22.73 -23.81 10.14
C HIS A 156 -22.83 -22.46 9.46
N CYS A 157 -23.73 -22.34 8.49
CA CYS A 157 -23.91 -21.08 7.78
C CYS A 157 -25.34 -20.58 7.92
N GLU A 158 -25.56 -19.33 7.47
CA GLU A 158 -26.87 -18.72 7.49
C GLU A 158 -26.98 -17.78 6.30
N CYS A 159 -27.85 -18.13 5.36
CA CYS A 159 -28.06 -17.33 4.16
C CYS A 159 -28.91 -16.10 4.45
N ASN A 160 -28.58 -15.00 3.77
CA ASN A 160 -29.28 -13.73 3.92
C ASN A 160 -30.23 -13.50 2.75
N GLU A 161 -30.81 -12.31 2.68
CA GLU A 161 -31.75 -11.95 1.62
C GLU A 161 -31.19 -12.12 0.21
N HIS A 162 -31.96 -12.78 -0.64
CA HIS A 162 -31.59 -13.00 -2.04
C HIS A 162 -30.09 -13.24 -2.25
N TRP A 163 -29.58 -14.21 -1.51
CA TRP A 163 -28.19 -14.57 -1.54
C TRP A 163 -27.86 -15.41 -2.75
N LEU A 164 -28.80 -16.28 -3.12
CA LEU A 164 -28.60 -17.20 -4.23
C LEU A 164 -28.67 -16.66 -5.67
N GLU A 165 -29.71 -15.88 -5.99
CA GLU A 165 -29.83 -15.36 -7.35
C GLU A 165 -28.57 -14.70 -7.89
N PRO A 166 -27.97 -13.77 -7.11
CA PRO A 166 -26.75 -13.09 -7.57
C PRO A 166 -25.67 -14.09 -8.00
N LEU A 167 -25.60 -15.23 -7.32
CA LEU A 167 -24.59 -16.21 -7.65
C LEU A 167 -24.95 -17.01 -8.90
N LEU A 168 -26.22 -17.36 -9.02
CA LEU A 168 -26.67 -18.12 -10.18
C LEU A 168 -26.58 -17.24 -11.44
N GLU A 169 -26.86 -15.95 -11.28
CA GLU A 169 -26.79 -15.04 -12.41
C GLU A 169 -25.40 -15.12 -13.06
N ARG A 170 -24.36 -15.11 -12.24
CA ARG A 170 -22.99 -15.19 -12.74
C ARG A 170 -22.69 -16.46 -13.51
N VAL A 171 -22.98 -17.62 -12.92
CA VAL A 171 -22.69 -18.90 -13.57
C VAL A 171 -23.46 -19.10 -14.87
N ALA A 172 -24.75 -18.75 -14.87
CA ALA A 172 -25.57 -18.87 -16.09
C ALA A 172 -24.84 -18.13 -17.20
N GLU A 173 -24.32 -16.94 -16.87
CA GLU A 173 -23.60 -16.12 -17.83
C GLU A 173 -22.30 -16.75 -18.32
N ASP A 174 -21.59 -17.44 -17.44
CA ASP A 174 -20.31 -18.03 -17.82
C ASP A 174 -19.98 -19.26 -16.99
N ARG A 175 -20.30 -20.43 -17.51
CA ARG A 175 -20.04 -21.70 -16.82
C ARG A 175 -18.68 -21.77 -16.09
N THR A 176 -17.68 -21.06 -16.59
CA THR A 176 -16.35 -21.12 -15.98
C THR A 176 -16.12 -20.24 -14.76
N ARG A 177 -17.17 -19.56 -14.30
CA ARG A 177 -17.04 -18.70 -13.12
C ARG A 177 -17.39 -19.42 -11.83
N VAL A 178 -16.44 -19.44 -10.89
CA VAL A 178 -16.68 -20.06 -9.58
C VAL A 178 -16.90 -18.88 -8.63
N VAL A 179 -18.17 -18.63 -8.37
CA VAL A 179 -18.58 -17.50 -7.55
C VAL A 179 -18.84 -17.80 -6.08
N SER A 180 -18.48 -16.84 -5.23
CA SER A 180 -18.68 -16.97 -3.80
C SER A 180 -19.37 -15.74 -3.25
N PRO A 181 -20.08 -15.88 -2.14
CA PRO A 181 -20.76 -14.72 -1.55
C PRO A 181 -19.81 -14.00 -0.59
N ILE A 182 -20.13 -12.77 -0.19
CA ILE A 182 -19.28 -12.10 0.79
C ILE A 182 -19.61 -12.94 2.03
N ILE A 183 -18.61 -13.44 2.74
CA ILE A 183 -18.92 -14.26 3.90
C ILE A 183 -18.99 -13.46 5.18
N ASP A 184 -20.21 -13.25 5.67
CA ASP A 184 -20.41 -12.53 6.91
C ASP A 184 -19.95 -13.37 8.09
N VAL A 185 -19.81 -12.73 9.24
CA VAL A 185 -19.36 -13.44 10.41
C VAL A 185 -20.44 -13.69 11.44
N ILE A 186 -20.45 -14.91 11.96
CA ILE A 186 -21.37 -15.27 13.01
C ILE A 186 -20.46 -15.50 14.23
N ASN A 187 -20.61 -14.65 15.24
CA ASN A 187 -19.81 -14.73 16.44
C ASN A 187 -19.92 -16.11 17.06
N MET A 188 -18.78 -16.73 17.36
CA MET A 188 -18.84 -18.07 17.92
C MET A 188 -19.18 -18.08 19.40
N ASP A 189 -19.25 -16.90 20.00
CA ASP A 189 -19.56 -16.82 21.42
C ASP A 189 -20.95 -16.29 21.72
N ASN A 190 -21.50 -15.48 20.82
CA ASN A 190 -22.81 -14.91 21.04
C ASN A 190 -23.67 -14.98 19.77
N PHE A 191 -23.11 -15.58 18.72
CA PHE A 191 -23.79 -15.76 17.44
C PHE A 191 -24.46 -14.50 16.87
N GLN A 192 -23.89 -13.34 17.19
CA GLN A 192 -24.37 -12.07 16.66
C GLN A 192 -24.00 -12.19 15.18
N TYR A 193 -24.87 -11.72 14.29
CA TYR A 193 -24.55 -11.81 12.87
C TYR A 193 -23.93 -10.49 12.44
N VAL A 194 -22.64 -10.52 12.09
CA VAL A 194 -21.92 -9.31 11.68
C VAL A 194 -21.59 -9.32 10.20
N GLY A 195 -21.50 -8.14 9.59
CA GLY A 195 -21.20 -8.03 8.17
C GLY A 195 -19.74 -7.81 7.83
N ALA A 196 -19.26 -8.54 6.83
CA ALA A 196 -17.88 -8.46 6.38
C ALA A 196 -17.75 -7.36 5.32
N SER A 197 -16.52 -6.96 5.01
CA SER A 197 -16.30 -5.92 4.02
C SER A 197 -16.60 -6.43 2.63
N ALA A 198 -16.77 -5.52 1.69
CA ALA A 198 -17.03 -5.92 0.31
C ALA A 198 -15.92 -5.27 -0.50
N ASP A 199 -14.93 -4.74 0.20
CA ASP A 199 -13.80 -4.06 -0.42
C ASP A 199 -12.47 -4.79 -0.18
N LEU A 200 -12.51 -6.10 0.05
CA LEU A 200 -11.29 -6.86 0.27
C LEU A 200 -11.27 -8.13 -0.56
N LYS A 201 -10.09 -8.52 -1.05
CA LYS A 201 -9.96 -9.73 -1.85
C LYS A 201 -9.14 -10.76 -1.11
N GLY A 202 -9.23 -12.00 -1.56
CA GLY A 202 -8.45 -13.06 -0.95
C GLY A 202 -7.08 -13.03 -1.58
N GLY A 203 -6.04 -13.24 -0.75
CA GLY A 203 -4.68 -13.26 -1.24
C GLY A 203 -3.84 -14.14 -0.35
N PHE A 204 -2.52 -14.10 -0.52
CA PHE A 204 -1.66 -14.92 0.32
C PHE A 204 -0.22 -14.47 0.22
N ASP A 205 0.60 -15.02 1.10
CA ASP A 205 2.02 -14.69 1.10
C ASP A 205 2.77 -15.95 0.71
N TRP A 206 4.09 -15.85 0.61
CA TRP A 206 4.87 -17.00 0.20
C TRP A 206 4.82 -18.20 1.13
N ASN A 207 4.33 -18.01 2.35
CA ASN A 207 4.19 -19.15 3.26
C ASN A 207 2.83 -19.78 2.98
N LEU A 208 2.19 -19.29 1.91
CA LEU A 208 0.88 -19.75 1.45
C LEU A 208 -0.19 -19.78 2.53
N VAL A 209 -0.38 -18.64 3.19
CA VAL A 209 -1.38 -18.47 4.22
C VAL A 209 -2.34 -17.36 3.80
N PHE A 210 -3.64 -17.64 3.85
CA PHE A 210 -4.64 -16.67 3.46
C PHE A 210 -4.37 -15.27 4.01
N LYS A 211 -4.55 -14.27 3.15
CA LYS A 211 -4.33 -12.87 3.48
C LYS A 211 -5.41 -12.01 2.83
N TRP A 212 -5.81 -10.92 3.49
CA TRP A 212 -6.78 -10.02 2.89
C TRP A 212 -6.05 -8.96 2.09
N ASP A 213 -6.69 -8.49 1.02
CA ASP A 213 -6.10 -7.46 0.16
C ASP A 213 -7.11 -6.33 -0.06
N TYR A 214 -6.60 -5.14 -0.31
CA TYR A 214 -7.45 -4.00 -0.62
C TYR A 214 -7.76 -4.18 -2.10
N MET A 215 -8.88 -3.65 -2.58
CA MET A 215 -9.19 -3.84 -4.00
C MET A 215 -8.20 -3.08 -4.86
N THR A 216 -8.08 -3.54 -6.10
CA THR A 216 -7.21 -2.95 -7.09
C THR A 216 -7.74 -1.60 -7.58
N PRO A 217 -6.86 -0.72 -8.09
CA PRO A 217 -7.31 0.58 -8.58
C PRO A 217 -8.39 0.39 -9.62
N GLU A 218 -8.16 -0.50 -10.56
CA GLU A 218 -9.16 -0.69 -11.60
C GLU A 218 -10.52 -1.01 -10.91
N GLN A 219 -10.53 -2.07 -10.03
CA GLN A 219 -11.66 -2.57 -9.28
C GLN A 219 -12.32 -1.45 -8.59
N ARG A 220 -11.53 -0.55 -8.04
CA ARG A 220 -12.08 0.62 -7.38
C ARG A 220 -12.89 1.55 -8.32
N ARG A 221 -12.36 1.78 -9.51
CA ARG A 221 -13.04 2.62 -10.50
C ARG A 221 -14.34 1.93 -10.85
N SER A 222 -14.27 0.64 -11.14
CA SER A 222 -15.48 -0.11 -11.48
C SER A 222 -16.50 -0.06 -10.35
N ARG A 223 -16.05 0.14 -9.12
CA ARG A 223 -16.97 0.23 -8.00
C ARG A 223 -17.54 1.64 -7.96
N GLN A 224 -16.80 2.59 -8.52
CA GLN A 224 -17.28 3.97 -8.57
C GLN A 224 -18.48 3.91 -9.52
N GLY A 225 -18.36 3.11 -10.57
CA GLY A 225 -19.46 2.98 -11.52
C GLY A 225 -20.56 2.15 -10.88
N ASN A 226 -20.27 0.88 -10.59
CA ASN A 226 -21.25 0.00 -9.97
C ASN A 226 -20.77 -0.28 -8.55
N PRO A 227 -21.50 0.22 -7.55
CA PRO A 227 -21.12 0.01 -6.15
C PRO A 227 -21.18 -1.45 -5.68
N VAL A 228 -21.94 -2.28 -6.37
CA VAL A 228 -22.04 -3.69 -5.98
C VAL A 228 -21.51 -4.61 -7.06
N ALA A 229 -20.64 -4.08 -7.92
CA ALA A 229 -20.05 -4.87 -8.99
C ALA A 229 -19.26 -6.07 -8.45
N PRO A 230 -19.36 -7.23 -9.12
CA PRO A 230 -18.62 -8.41 -8.65
C PRO A 230 -17.14 -8.21 -8.98
N ILE A 231 -16.26 -8.79 -8.17
CA ILE A 231 -14.84 -8.63 -8.40
C ILE A 231 -14.07 -9.94 -8.48
N LYS A 232 -13.04 -9.98 -9.31
CA LYS A 232 -12.23 -11.18 -9.43
C LYS A 232 -11.41 -11.32 -8.16
N THR A 233 -11.08 -12.55 -7.76
CA THR A 233 -10.28 -12.77 -6.55
C THR A 233 -9.23 -13.87 -6.79
N PRO A 234 -7.96 -13.58 -6.48
CA PRO A 234 -6.86 -14.53 -6.66
C PRO A 234 -6.95 -15.80 -5.79
N MET A 235 -7.52 -15.67 -4.59
CA MET A 235 -7.63 -16.77 -3.65
C MET A 235 -9.02 -16.80 -2.99
N ILE A 236 -9.67 -17.96 -3.08
CA ILE A 236 -10.99 -18.13 -2.50
C ILE A 236 -10.78 -17.89 -1.00
N ALA A 237 -11.76 -17.25 -0.34
CA ALA A 237 -11.65 -16.94 1.08
C ALA A 237 -12.30 -17.93 2.02
N GLY A 238 -13.19 -18.76 1.48
CA GLY A 238 -13.86 -19.75 2.30
C GLY A 238 -14.24 -20.98 1.53
N GLY A 239 -15.15 -21.77 2.08
CA GLY A 239 -15.58 -22.98 1.42
C GLY A 239 -16.99 -22.81 0.89
N LEU A 240 -17.44 -21.57 0.71
CA LEU A 240 -18.78 -21.33 0.19
C LEU A 240 -18.64 -20.84 -1.24
N PHE A 241 -19.27 -21.53 -2.17
CA PHE A 241 -19.21 -21.08 -3.55
C PHE A 241 -20.17 -21.84 -4.46
N VAL A 242 -20.49 -21.22 -5.59
CA VAL A 242 -21.38 -21.82 -6.55
C VAL A 242 -20.56 -22.17 -7.77
N MET A 243 -20.88 -23.30 -8.39
CA MET A 243 -20.15 -23.74 -9.56
C MET A 243 -20.97 -24.71 -10.41
N ASP A 244 -20.66 -24.72 -11.71
CA ASP A 244 -21.32 -25.59 -12.68
C ASP A 244 -20.94 -27.05 -12.36
N LYS A 245 -21.92 -27.97 -12.44
CA LYS A 245 -21.64 -29.36 -12.14
C LYS A 245 -20.67 -29.97 -13.13
N PHE A 246 -20.92 -29.78 -14.42
CA PHE A 246 -20.00 -30.34 -15.40
C PHE A 246 -18.64 -29.69 -15.23
N TYR A 247 -18.62 -28.37 -15.11
CA TYR A 247 -17.35 -27.67 -14.95
C TYR A 247 -16.58 -28.14 -13.71
N PHE A 248 -17.30 -28.44 -12.63
CA PHE A 248 -16.69 -28.93 -11.40
C PHE A 248 -15.98 -30.27 -11.64
N GLU A 249 -16.63 -31.12 -12.42
CA GLU A 249 -16.08 -32.43 -12.74
C GLU A 249 -14.99 -32.28 -13.81
N GLU A 250 -15.29 -31.56 -14.88
CA GLU A 250 -14.34 -31.35 -15.95
C GLU A 250 -12.99 -30.81 -15.45
N LEU A 251 -13.03 -29.94 -14.46
CA LEU A 251 -11.79 -29.37 -13.93
C LEU A 251 -11.08 -30.25 -12.94
N GLY A 252 -11.71 -31.33 -12.51
CA GLY A 252 -11.01 -32.18 -11.57
C GLY A 252 -11.58 -32.22 -10.17
N LYS A 253 -12.82 -31.78 -9.99
CA LYS A 253 -13.47 -31.82 -8.70
C LYS A 253 -12.60 -31.26 -7.57
N TYR A 254 -12.17 -32.15 -6.65
CA TYR A 254 -11.32 -31.81 -5.50
C TYR A 254 -10.17 -32.81 -5.47
N ASP A 255 -9.05 -32.48 -4.84
CA ASP A 255 -7.91 -33.39 -4.75
C ASP A 255 -8.19 -34.44 -3.68
N MET A 256 -8.77 -35.57 -4.10
CA MET A 256 -9.15 -36.67 -3.20
C MET A 256 -8.06 -37.21 -2.27
N MET A 257 -6.82 -36.78 -2.46
CA MET A 257 -5.70 -37.26 -1.63
C MET A 257 -5.27 -36.30 -0.53
N MET A 258 -6.02 -35.22 -0.34
CA MET A 258 -5.68 -34.25 0.68
C MET A 258 -6.24 -34.74 1.98
N ASP A 259 -5.86 -34.11 3.09
CA ASP A 259 -6.35 -34.56 4.38
C ASP A 259 -7.20 -33.51 5.12
N VAL A 260 -7.74 -33.93 6.26
CA VAL A 260 -8.61 -33.10 7.10
C VAL A 260 -8.12 -31.72 7.54
N TRP A 261 -6.81 -31.49 7.53
CA TRP A 261 -6.26 -30.22 8.03
C TRP A 261 -5.96 -29.05 7.10
N GLY A 262 -5.26 -29.32 6.02
CA GLY A 262 -4.86 -28.28 5.08
C GLY A 262 -5.91 -27.32 4.55
N GLY A 263 -5.43 -26.46 3.66
CA GLY A 263 -6.26 -25.47 3.02
C GLY A 263 -6.40 -25.95 1.60
N GLU A 264 -7.34 -26.86 1.42
CA GLU A 264 -7.59 -27.40 0.11
C GLU A 264 -7.91 -26.22 -0.80
N ASN A 265 -8.20 -25.06 -0.21
CA ASN A 265 -8.56 -23.88 -0.98
C ASN A 265 -7.47 -23.28 -1.85
N LEU A 266 -6.21 -23.54 -1.51
CA LEU A 266 -5.10 -23.06 -2.32
C LEU A 266 -5.15 -23.76 -3.67
N GLU A 267 -5.24 -25.08 -3.59
CA GLU A 267 -5.29 -25.96 -4.75
C GLU A 267 -6.49 -25.63 -5.63
N ILE A 268 -7.64 -25.41 -5.02
CA ILE A 268 -8.82 -25.10 -5.80
C ILE A 268 -8.72 -23.75 -6.50
N SER A 269 -8.08 -22.78 -5.87
CA SER A 269 -7.95 -21.46 -6.48
C SER A 269 -6.92 -21.42 -7.60
N PHE A 270 -5.81 -22.12 -7.41
CA PHE A 270 -4.77 -22.16 -8.43
C PHE A 270 -5.29 -22.83 -9.68
N ARG A 271 -5.85 -24.02 -9.49
CA ARG A 271 -6.39 -24.82 -10.60
C ARG A 271 -7.45 -24.11 -11.40
N VAL A 272 -8.38 -23.42 -10.74
CA VAL A 272 -9.42 -22.73 -11.49
C VAL A 272 -8.77 -21.68 -12.39
N TRP A 273 -7.98 -20.80 -11.79
CA TRP A 273 -7.30 -19.77 -12.54
C TRP A 273 -6.35 -20.27 -13.61
N GLN A 274 -5.41 -21.14 -13.23
CA GLN A 274 -4.47 -21.65 -14.20
C GLN A 274 -5.09 -22.48 -15.31
N CYS A 275 -6.29 -23.00 -15.07
CA CYS A 275 -6.93 -23.81 -16.09
C CYS A 275 -8.10 -23.15 -16.78
N GLY A 276 -7.98 -21.84 -17.02
CA GLY A 276 -9.03 -21.13 -17.73
C GLY A 276 -10.14 -20.45 -16.97
N GLY A 277 -10.66 -21.08 -15.92
CA GLY A 277 -11.73 -20.47 -15.17
C GLY A 277 -11.30 -19.21 -14.43
N SER A 278 -12.15 -18.75 -13.50
CA SER A 278 -11.87 -17.57 -12.70
C SER A 278 -12.68 -17.64 -11.40
N LEU A 279 -12.32 -16.79 -10.45
CA LEU A 279 -12.96 -16.73 -9.12
C LEU A 279 -13.56 -15.35 -8.89
N GLU A 280 -14.81 -15.31 -8.42
CA GLU A 280 -15.48 -14.02 -8.19
C GLU A 280 -16.14 -13.91 -6.82
N ILE A 281 -16.16 -12.69 -6.29
CA ILE A 281 -16.83 -12.42 -5.01
C ILE A 281 -18.01 -11.53 -5.40
N ILE A 282 -19.22 -11.98 -5.09
CA ILE A 282 -20.42 -11.22 -5.43
C ILE A 282 -20.98 -10.50 -4.21
N PRO A 283 -20.83 -9.17 -4.16
CA PRO A 283 -21.30 -8.34 -3.04
C PRO A 283 -22.78 -8.49 -2.67
N CYS A 284 -23.66 -8.59 -3.65
CA CYS A 284 -25.07 -8.72 -3.34
C CYS A 284 -25.45 -10.03 -2.68
N SER A 285 -24.55 -11.00 -2.74
CA SER A 285 -24.76 -12.31 -2.12
C SER A 285 -24.12 -12.34 -0.72
N ARG A 286 -24.89 -12.68 0.30
CA ARG A 286 -24.35 -12.73 1.66
C ARG A 286 -24.71 -13.97 2.42
N VAL A 287 -23.71 -14.64 2.96
CA VAL A 287 -23.99 -15.83 3.76
C VAL A 287 -23.13 -15.80 5.02
N GLY A 288 -23.78 -15.84 6.19
CA GLY A 288 -23.03 -15.83 7.43
C GLY A 288 -22.35 -17.15 7.68
N HIS A 289 -21.19 -17.10 8.34
CA HIS A 289 -20.41 -18.31 8.66
C HIS A 289 -19.85 -18.19 10.08
N VAL A 290 -19.80 -19.29 10.81
CA VAL A 290 -19.26 -19.24 12.17
C VAL A 290 -17.79 -19.63 12.12
N PHE A 291 -16.92 -18.64 12.33
CA PHE A 291 -15.49 -18.90 12.30
C PHE A 291 -14.96 -19.32 13.66
N ARG A 292 -14.10 -20.33 13.65
CA ARG A 292 -13.47 -20.85 14.87
C ARG A 292 -12.46 -19.82 15.37
N LYS A 293 -11.90 -20.07 16.54
CA LYS A 293 -10.93 -19.17 17.18
C LYS A 293 -9.95 -18.36 16.31
N GLN A 294 -8.90 -19.01 15.82
CA GLN A 294 -7.90 -18.29 15.04
C GLN A 294 -7.94 -18.53 13.53
N HIS A 295 -9.16 -18.64 13.00
CA HIS A 295 -9.39 -18.86 11.59
C HIS A 295 -8.70 -17.72 10.84
N PRO A 296 -8.01 -18.02 9.72
CA PRO A 296 -7.31 -17.02 8.91
C PRO A 296 -8.18 -15.90 8.36
N TYR A 297 -9.47 -16.18 8.18
CA TYR A 297 -10.41 -15.19 7.65
C TYR A 297 -10.64 -14.07 8.67
N THR A 298 -10.50 -14.38 9.95
CA THR A 298 -10.69 -13.39 11.01
C THR A 298 -9.42 -13.03 11.78
N PHE A 299 -8.49 -13.98 11.88
CA PHE A 299 -7.24 -13.72 12.59
C PHE A 299 -6.09 -13.74 11.58
N PRO A 300 -5.52 -12.57 11.27
CA PRO A 300 -4.41 -12.48 10.31
C PRO A 300 -3.27 -13.45 10.63
N GLY A 301 -2.74 -14.08 9.59
CA GLY A 301 -1.65 -15.03 9.76
C GLY A 301 -2.14 -16.39 10.22
N GLY A 302 -3.41 -16.43 10.64
CA GLY A 302 -4.00 -17.66 11.13
C GLY A 302 -3.50 -17.98 12.53
N SER A 303 -3.62 -19.24 12.91
CA SER A 303 -3.17 -19.69 14.22
C SER A 303 -1.64 -19.78 14.27
N GLY A 304 -1.02 -19.83 13.09
CA GLY A 304 0.43 -19.93 13.01
C GLY A 304 0.89 -21.37 13.13
N THR A 305 0.21 -22.24 12.39
CA THR A 305 0.52 -23.66 12.39
C THR A 305 -0.17 -24.35 11.21
N VAL A 306 0.62 -25.05 10.39
CA VAL A 306 0.04 -25.71 9.25
C VAL A 306 0.62 -27.09 8.97
N PHE A 307 -0.23 -28.11 9.03
CA PHE A 307 0.18 -29.46 8.73
C PHE A 307 0.27 -29.40 7.19
N ALA A 308 1.48 -29.11 6.72
CA ALA A 308 1.80 -28.93 5.31
C ALA A 308 1.25 -29.85 4.21
N ARG A 309 0.88 -31.09 4.53
CA ARG A 309 0.41 -32.00 3.49
C ARG A 309 -0.36 -31.34 2.34
N ASN A 310 -1.52 -30.79 2.64
CA ASN A 310 -2.32 -30.17 1.58
C ASN A 310 -1.68 -28.96 0.92
N THR A 311 -0.86 -28.24 1.66
CA THR A 311 -0.21 -27.09 1.08
C THR A 311 0.88 -27.57 0.11
N ARG A 312 1.60 -28.62 0.48
CA ARG A 312 2.63 -29.14 -0.42
C ARG A 312 1.93 -29.68 -1.66
N ARG A 313 0.89 -30.50 -1.46
CA ARG A 313 0.17 -31.07 -2.59
C ARG A 313 -0.22 -30.01 -3.60
N ALA A 314 -0.60 -28.83 -3.11
CA ALA A 314 -0.99 -27.75 -4.01
C ALA A 314 0.24 -27.13 -4.64
N ALA A 315 1.22 -26.78 -3.82
CA ALA A 315 2.44 -26.17 -4.31
C ALA A 315 3.20 -27.02 -5.36
N GLU A 316 3.35 -28.31 -5.07
CA GLU A 316 4.06 -29.26 -5.95
C GLU A 316 3.35 -29.53 -7.28
N VAL A 317 2.06 -29.25 -7.35
CA VAL A 317 1.34 -29.50 -8.58
C VAL A 317 1.15 -28.26 -9.45
N TRP A 318 1.03 -27.08 -8.84
CA TRP A 318 0.81 -25.88 -9.66
C TRP A 318 1.83 -24.76 -9.67
N MET A 319 2.64 -24.64 -8.62
CA MET A 319 3.59 -23.54 -8.57
C MET A 319 4.87 -23.62 -9.38
N ASP A 320 5.12 -24.73 -10.05
CA ASP A 320 6.36 -24.86 -10.81
C ASP A 320 7.51 -24.46 -9.90
N GLU A 321 8.56 -23.89 -10.49
CA GLU A 321 9.72 -23.49 -9.72
C GLU A 321 9.40 -22.54 -8.55
N TYR A 322 8.25 -21.87 -8.57
CA TYR A 322 7.88 -20.95 -7.50
C TYR A 322 7.57 -21.59 -6.15
N LYS A 323 7.56 -22.91 -6.11
CA LYS A 323 7.29 -23.58 -4.86
C LYS A 323 8.50 -23.42 -3.95
N ASN A 324 9.65 -23.13 -4.55
CA ASN A 324 10.84 -22.96 -3.76
C ASN A 324 10.75 -21.74 -2.86
N PHE A 325 9.94 -20.77 -3.28
CA PHE A 325 9.76 -19.58 -2.47
C PHE A 325 8.96 -19.99 -1.25
N TYR A 326 7.94 -20.81 -1.46
CA TYR A 326 7.13 -21.29 -0.37
C TYR A 326 8.08 -22.05 0.57
N TYR A 327 8.95 -22.88 0.01
CA TYR A 327 9.86 -23.64 0.85
C TYR A 327 10.91 -22.76 1.52
N ALA A 328 11.20 -21.59 0.95
CA ALA A 328 12.16 -20.66 1.54
C ALA A 328 11.53 -20.04 2.78
N ALA A 329 10.22 -19.83 2.70
CA ALA A 329 9.47 -19.24 3.81
C ALA A 329 9.10 -20.32 4.81
N VAL A 330 9.08 -21.57 4.36
CA VAL A 330 8.69 -22.66 5.24
C VAL A 330 9.55 -23.93 5.05
N PRO A 331 10.82 -23.88 5.44
CA PRO A 331 11.75 -25.01 5.33
C PRO A 331 11.15 -26.33 5.83
N SER A 332 10.68 -26.33 7.08
CA SER A 332 10.10 -27.52 7.67
C SER A 332 9.20 -28.30 6.73
N ALA A 333 8.48 -27.60 5.86
CA ALA A 333 7.56 -28.26 4.95
C ALA A 333 8.24 -29.24 3.98
N ARG A 334 9.54 -29.04 3.73
CA ARG A 334 10.29 -29.91 2.82
C ARG A 334 10.32 -31.33 3.34
N ASN A 335 10.21 -31.44 4.65
CA ASN A 335 10.27 -32.73 5.32
C ASN A 335 8.88 -33.27 5.71
N VAL A 336 7.84 -32.81 5.03
CA VAL A 336 6.49 -33.26 5.31
C VAL A 336 5.96 -34.10 4.15
N PRO A 337 5.59 -35.35 4.44
CA PRO A 337 5.07 -36.24 3.38
C PRO A 337 3.74 -35.69 2.87
N TYR A 338 3.50 -35.85 1.57
CA TYR A 338 2.24 -35.36 1.00
C TYR A 338 1.61 -36.35 0.01
N GLY A 339 2.11 -37.58 0.00
CA GLY A 339 1.57 -38.60 -0.87
C GLY A 339 1.83 -38.48 -2.35
N ASN A 340 1.11 -39.28 -3.13
CA ASN A 340 1.25 -39.29 -4.59
C ASN A 340 0.39 -38.20 -5.21
N ILE A 341 1.03 -37.43 -6.08
CA ILE A 341 0.38 -36.32 -6.76
C ILE A 341 0.43 -36.61 -8.25
N GLN A 342 0.61 -37.88 -8.58
CA GLN A 342 0.71 -38.30 -9.96
C GLN A 342 -0.52 -37.99 -10.80
N SER A 343 -1.69 -38.47 -10.38
CA SER A 343 -2.89 -38.23 -11.18
C SER A 343 -3.22 -36.74 -11.33
N ARG A 344 -2.84 -35.96 -10.32
CA ARG A 344 -3.09 -34.52 -10.35
C ARG A 344 -2.18 -33.84 -11.36
N LEU A 345 -0.92 -34.26 -11.39
CA LEU A 345 -0.01 -33.68 -12.37
C LEU A 345 -0.53 -34.04 -13.75
N GLU A 346 -1.20 -35.17 -13.87
CA GLU A 346 -1.72 -35.56 -15.17
C GLU A 346 -2.94 -34.75 -15.52
N LEU A 347 -3.77 -34.46 -14.53
CA LEU A 347 -4.96 -33.66 -14.76
C LEU A 347 -4.51 -32.31 -15.30
N ARG A 348 -3.41 -31.79 -14.76
CA ARG A 348 -2.89 -30.51 -15.19
C ARG A 348 -2.42 -30.62 -16.63
N LYS A 349 -1.76 -31.73 -16.93
CA LYS A 349 -1.24 -32.02 -18.27
C LYS A 349 -2.43 -32.03 -19.24
N LYS A 350 -3.39 -32.92 -18.98
CA LYS A 350 -4.59 -33.03 -19.81
C LYS A 350 -5.22 -31.65 -20.03
N LEU A 351 -5.53 -30.96 -18.95
CA LEU A 351 -6.14 -29.63 -19.04
C LEU A 351 -5.25 -28.54 -19.63
N SER A 352 -3.97 -28.87 -19.87
CA SER A 352 -3.00 -27.92 -20.45
C SER A 352 -3.10 -26.55 -19.78
N CYS A 353 -3.11 -26.56 -18.45
CA CYS A 353 -3.24 -25.32 -17.70
C CYS A 353 -1.98 -24.48 -17.84
N LYS A 354 -2.12 -23.18 -17.59
CA LYS A 354 -1.02 -22.22 -17.67
C LYS A 354 -0.04 -22.43 -16.52
N PRO A 355 1.15 -21.82 -16.60
CA PRO A 355 2.13 -21.97 -15.52
C PRO A 355 1.85 -20.98 -14.40
N PHE A 356 2.56 -21.10 -13.29
CA PHE A 356 2.34 -20.21 -12.16
C PHE A 356 2.80 -18.79 -12.53
N LYS A 357 3.88 -18.70 -13.29
CA LYS A 357 4.41 -17.40 -13.69
C LYS A 357 3.32 -16.63 -14.39
N TRP A 358 2.43 -17.36 -15.05
CA TRP A 358 1.33 -16.72 -15.75
C TRP A 358 0.38 -16.15 -14.71
N TYR A 359 0.10 -16.96 -13.68
CA TYR A 359 -0.81 -16.61 -12.58
C TYR A 359 -0.34 -15.41 -11.76
N LEU A 360 0.95 -15.37 -11.44
CA LEU A 360 1.46 -14.26 -10.66
C LEU A 360 1.34 -12.98 -11.48
N GLU A 361 1.70 -13.07 -12.74
CA GLU A 361 1.65 -11.92 -13.64
C GLU A 361 0.25 -11.44 -14.02
N ASN A 362 -0.72 -12.34 -14.10
CA ASN A 362 -2.04 -11.97 -14.53
C ASN A 362 -3.16 -12.04 -13.51
N VAL A 363 -2.99 -12.85 -12.49
CA VAL A 363 -4.05 -12.95 -11.49
C VAL A 363 -3.70 -12.31 -10.16
N TYR A 364 -2.45 -12.43 -9.75
CA TYR A 364 -1.99 -11.89 -8.45
C TYR A 364 -0.64 -11.19 -8.55
N PRO A 365 -0.56 -10.19 -9.45
CA PRO A 365 0.62 -9.37 -9.73
C PRO A 365 1.05 -8.52 -8.55
N GLU A 366 0.13 -8.28 -7.63
CA GLU A 366 0.45 -7.47 -6.48
C GLU A 366 1.27 -8.20 -5.43
N LEU A 367 1.48 -9.51 -5.63
CA LEU A 367 2.29 -10.30 -4.70
C LEU A 367 3.73 -10.12 -5.11
N ARG A 368 4.52 -9.44 -4.28
CA ARG A 368 5.91 -9.21 -4.64
C ARG A 368 6.71 -10.51 -4.65
N VAL A 369 7.19 -10.88 -5.83
CA VAL A 369 7.98 -12.11 -5.98
C VAL A 369 9.48 -11.76 -6.03
N PRO A 370 10.31 -12.44 -5.22
CA PRO A 370 11.75 -12.16 -5.23
C PRO A 370 12.44 -12.50 -6.54
N ASP A 371 13.66 -12.02 -6.68
CA ASP A 371 14.47 -12.27 -7.87
C ASP A 371 15.01 -13.71 -7.78
N HIS A 372 15.08 -14.40 -8.91
CA HIS A 372 15.56 -15.79 -8.91
C HIS A 372 16.95 -15.93 -8.32
N GLN A 373 17.70 -14.83 -8.29
CA GLN A 373 19.05 -14.87 -7.75
C GLN A 373 19.19 -14.18 -6.40
N ASP A 374 18.06 -13.94 -5.72
CA ASP A 374 18.12 -13.35 -4.41
C ASP A 374 18.51 -14.48 -3.48
N ILE A 375 19.23 -14.15 -2.43
CA ILE A 375 19.68 -15.14 -1.46
C ILE A 375 18.72 -15.24 -0.30
N ALA A 376 18.03 -14.14 -0.03
CA ALA A 376 17.07 -14.08 1.06
C ALA A 376 16.14 -12.95 0.66
N PHE A 377 14.92 -12.98 1.16
CA PHE A 377 13.95 -11.95 0.77
C PHE A 377 12.83 -11.76 1.81
N GLY A 378 12.14 -10.63 1.72
CA GLY A 378 11.03 -10.39 2.63
C GLY A 378 11.20 -9.28 3.65
N ALA A 379 10.57 -9.46 4.80
CA ALA A 379 10.68 -8.48 5.88
C ALA A 379 11.88 -8.90 6.70
N LEU A 380 12.63 -7.94 7.20
CA LEU A 380 13.81 -8.27 8.00
C LEU A 380 13.40 -8.15 9.46
N GLN A 381 13.08 -9.28 10.08
CA GLN A 381 12.62 -9.24 11.45
C GLN A 381 13.58 -9.62 12.56
N GLN A 382 13.36 -8.98 13.71
CA GLN A 382 14.11 -9.19 14.94
C GLN A 382 13.02 -9.17 15.99
N GLY A 383 12.71 -10.33 16.55
CA GLY A 383 11.64 -10.38 17.53
C GLY A 383 10.45 -9.95 16.72
N THR A 384 9.50 -9.24 17.31
CA THR A 384 8.34 -8.83 16.53
C THR A 384 8.53 -7.53 15.77
N ASN A 385 9.76 -7.02 15.76
CA ASN A 385 10.05 -5.77 15.04
C ASN A 385 10.56 -5.98 13.62
N CYS A 386 10.26 -5.02 12.74
CA CYS A 386 10.69 -5.11 11.36
C CYS A 386 11.60 -3.96 10.92
N LEU A 387 12.62 -4.27 10.13
CA LEU A 387 13.54 -3.24 9.62
C LEU A 387 12.70 -2.30 8.78
N ASP A 388 12.88 -1.00 8.94
CA ASP A 388 12.10 -0.04 8.18
C ASP A 388 12.92 1.20 7.84
N THR A 389 12.77 1.71 6.62
CA THR A 389 13.51 2.88 6.17
C THR A 389 13.13 4.13 6.93
N LEU A 390 12.02 4.05 7.67
CA LEU A 390 11.54 5.19 8.43
C LEU A 390 11.17 6.30 7.47
N GLY A 391 11.06 5.96 6.19
CA GLY A 391 10.70 6.96 5.20
C GLY A 391 11.87 7.86 4.84
N HIS A 392 13.08 7.50 5.30
CA HIS A 392 14.29 8.26 5.00
C HIS A 392 14.90 7.69 3.72
N PHE A 393 14.23 7.83 2.59
CA PHE A 393 14.75 7.27 1.35
C PHE A 393 15.94 8.01 0.70
N ALA A 394 16.72 8.75 1.48
CA ALA A 394 17.85 9.46 0.90
C ALA A 394 19.00 9.64 1.89
N ASP A 395 20.01 8.78 1.80
CA ASP A 395 21.16 8.82 2.70
C ASP A 395 20.64 8.97 4.11
N GLY A 396 19.63 8.19 4.44
CA GLY A 396 19.05 8.29 5.77
C GLY A 396 19.39 7.15 6.72
N VAL A 397 19.15 7.41 8.01
CA VAL A 397 19.40 6.40 9.01
C VAL A 397 18.19 5.47 9.01
N VAL A 398 18.44 4.18 9.13
CA VAL A 398 17.39 3.20 9.12
C VAL A 398 17.07 2.78 10.57
N GLY A 399 15.90 2.20 10.79
CA GLY A 399 15.52 1.76 12.12
C GLY A 399 14.55 0.60 12.12
N VAL A 400 13.56 0.61 13.02
CA VAL A 400 12.58 -0.47 13.07
C VAL A 400 11.21 -0.06 13.57
N TYR A 401 10.19 -0.76 13.09
CA TYR A 401 8.81 -0.55 13.50
C TYR A 401 8.29 -1.91 13.89
N GLU A 402 7.27 -1.99 14.73
CA GLU A 402 6.78 -3.30 15.07
C GLU A 402 6.08 -3.81 13.82
N CYS A 403 6.39 -5.02 13.40
CA CYS A 403 5.80 -5.59 12.19
C CYS A 403 4.29 -5.54 12.13
N HIS A 404 3.76 -5.46 10.91
CA HIS A 404 2.33 -5.43 10.65
C HIS A 404 1.93 -6.79 10.09
N ASN A 405 1.02 -7.48 10.78
CA ASN A 405 0.57 -8.79 10.34
C ASN A 405 -0.54 -8.64 9.30
N GLY A 408 1.70 -7.94 4.70
CA GLY A 408 2.41 -7.27 5.78
C GLY A 408 2.92 -5.86 5.50
N ASN A 409 4.20 -5.62 5.84
CA ASN A 409 4.86 -4.32 5.69
C ASN A 409 6.10 -4.18 4.75
N GLN A 410 7.19 -3.56 5.23
CA GLN A 410 8.38 -3.30 4.40
C GLN A 410 9.38 -4.44 4.08
N GLU A 411 9.51 -4.71 2.78
CA GLU A 411 10.36 -5.79 2.28
C GLU A 411 11.75 -5.41 1.78
N TRP A 412 12.71 -6.32 2.00
CA TRP A 412 14.10 -6.13 1.60
C TRP A 412 14.59 -7.37 0.87
N ALA A 413 15.73 -7.25 0.22
CA ALA A 413 16.31 -8.38 -0.51
C ALA A 413 17.80 -8.50 -0.33
N LEU A 414 18.26 -9.73 -0.10
CA LEU A 414 19.68 -9.98 0.03
C LEU A 414 19.96 -10.52 -1.37
N THR A 415 20.48 -9.64 -2.22
CA THR A 415 20.77 -9.94 -3.62
C THR A 415 22.00 -10.82 -3.81
N LYS A 416 22.09 -11.41 -5.01
CA LYS A 416 23.21 -12.28 -5.36
C LYS A 416 24.55 -11.54 -5.25
N GLU A 417 24.53 -10.23 -5.43
CA GLU A 417 25.75 -9.44 -5.36
C GLU A 417 26.14 -9.10 -3.92
N LYS A 418 25.45 -9.74 -2.98
CA LYS A 418 25.67 -9.56 -1.55
C LYS A 418 25.14 -8.26 -0.95
N SER A 419 24.10 -7.68 -1.54
CA SER A 419 23.52 -6.45 -1.00
C SER A 419 22.20 -6.68 -0.32
N VAL A 420 21.85 -5.74 0.56
CA VAL A 420 20.59 -5.79 1.28
C VAL A 420 19.87 -4.53 0.81
N LYS A 421 19.01 -4.67 -0.20
CA LYS A 421 18.31 -3.50 -0.74
C LYS A 421 16.80 -3.44 -0.61
N HIS A 422 16.29 -2.22 -0.77
CA HIS A 422 14.87 -1.89 -0.73
C HIS A 422 14.76 -1.05 -1.99
N MET A 423 14.35 -1.68 -3.09
CA MET A 423 14.26 -1.03 -4.40
C MET A 423 15.71 -0.86 -4.84
N ASP A 424 16.14 0.38 -5.08
CA ASP A 424 17.52 0.59 -5.49
C ASP A 424 18.36 1.25 -4.39
N LEU A 425 17.86 1.18 -3.15
CA LEU A 425 18.59 1.74 -2.00
C LEU A 425 19.18 0.56 -1.22
N CYS A 426 20.46 0.68 -0.87
CA CYS A 426 21.20 -0.35 -0.14
C CYS A 426 21.63 0.06 1.27
N LEU A 427 21.70 -0.91 2.18
CA LEU A 427 22.16 -0.61 3.53
C LEU A 427 23.67 -0.43 3.35
N THR A 428 24.17 0.74 3.71
CA THR A 428 25.59 1.04 3.56
C THR A 428 26.34 1.20 4.89
N VAL A 429 27.55 0.68 4.97
CA VAL A 429 28.35 0.84 6.18
C VAL A 429 29.21 2.08 5.95
N VAL A 430 28.62 3.24 6.18
CA VAL A 430 29.31 4.50 6.00
C VAL A 430 30.64 4.54 6.75
N ASP A 431 30.60 4.21 8.04
CA ASP A 431 31.79 4.22 8.89
C ASP A 431 31.90 2.87 9.58
N ARG A 432 33.04 2.19 9.46
CA ARG A 432 33.15 0.87 10.08
C ARG A 432 33.64 0.76 11.52
N ALA A 433 33.56 1.84 12.28
CA ALA A 433 33.96 1.78 13.67
C ALA A 433 32.70 1.43 14.47
N PRO A 434 32.82 0.50 15.44
CA PRO A 434 31.68 0.09 16.28
C PRO A 434 30.80 1.25 16.74
N GLY A 435 29.50 1.07 16.64
CA GLY A 435 28.58 2.09 17.06
C GLY A 435 28.14 2.99 15.92
N SER A 436 28.94 3.03 14.85
CA SER A 436 28.63 3.86 13.68
C SER A 436 27.30 3.48 13.06
N LEU A 437 26.47 4.49 12.86
CA LEU A 437 25.16 4.30 12.25
C LEU A 437 25.34 3.92 10.79
N ILE A 438 24.48 3.05 10.28
CA ILE A 438 24.56 2.67 8.87
C ILE A 438 23.61 3.63 8.14
N LYS A 439 23.72 3.71 6.82
CA LYS A 439 22.85 4.63 6.10
C LYS A 439 22.28 3.95 4.89
N LEU A 440 21.11 4.43 4.46
CA LEU A 440 20.44 3.90 3.30
C LEU A 440 20.91 4.74 2.13
N GLN A 441 21.55 4.11 1.16
CA GLN A 441 22.07 4.85 0.01
C GLN A 441 21.79 4.16 -1.32
N GLY A 442 22.02 4.90 -2.40
CA GLY A 442 21.83 4.33 -3.72
C GLY A 442 22.87 3.23 -3.90
N CYS A 443 22.39 2.03 -4.24
CA CYS A 443 23.27 0.88 -4.44
C CYS A 443 24.32 1.18 -5.51
N ARG A 444 25.55 0.71 -5.30
CA ARG A 444 26.63 0.90 -6.25
C ARG A 444 27.28 -0.44 -6.51
N GLU A 445 27.02 -0.98 -7.70
CA GLU A 445 27.53 -2.28 -8.17
C GLU A 445 28.60 -3.00 -7.34
N ASN A 446 29.81 -2.45 -7.33
CA ASN A 446 30.90 -3.09 -6.61
C ASN A 446 31.29 -2.44 -5.27
N ASP A 447 30.48 -1.51 -4.77
CA ASP A 447 30.79 -0.84 -3.51
C ASP A 447 30.84 -1.79 -2.32
N SER A 448 31.99 -1.81 -1.66
CA SER A 448 32.21 -2.71 -0.54
C SER A 448 31.44 -2.38 0.75
N ARG A 449 31.09 -1.12 0.94
CA ARG A 449 30.36 -0.76 2.15
C ARG A 449 28.93 -1.29 2.09
N GLN A 450 28.57 -1.90 0.96
CA GLN A 450 27.23 -2.40 0.80
C GLN A 450 27.11 -3.91 0.70
N LYS A 451 28.16 -4.61 1.11
CA LYS A 451 28.13 -6.06 1.05
C LYS A 451 27.87 -6.70 2.40
N TRP A 452 26.86 -7.56 2.45
CA TRP A 452 26.48 -8.25 3.68
C TRP A 452 26.41 -9.75 3.46
N GLU A 453 26.45 -10.50 4.54
CA GLU A 453 26.37 -11.96 4.45
C GLU A 453 25.67 -12.51 5.68
N GLN A 454 24.94 -13.60 5.52
CA GLN A 454 24.25 -14.19 6.65
C GLN A 454 25.15 -15.18 7.36
N ILE A 455 25.04 -15.22 8.69
CA ILE A 455 25.85 -16.16 9.46
C ILE A 455 24.98 -16.84 10.51
N GLU A 456 25.59 -17.77 11.24
CA GLU A 456 24.90 -18.52 12.28
C GLU A 456 23.50 -18.97 11.88
N GLY A 457 23.42 -19.71 10.78
CA GLY A 457 22.16 -20.24 10.29
C GLY A 457 21.15 -19.17 9.93
N ASN A 458 21.57 -18.21 9.13
CA ASN A 458 20.69 -17.14 8.69
C ASN A 458 19.98 -16.49 9.88
N SER A 459 20.73 -16.22 10.95
CA SER A 459 20.14 -15.60 12.13
C SER A 459 20.68 -14.19 12.36
N LYS A 460 21.63 -13.78 11.53
CA LYS A 460 22.19 -12.42 11.62
C LYS A 460 22.86 -11.96 10.34
N LEU A 461 23.18 -10.66 10.27
CA LEU A 461 23.83 -10.07 9.11
C LEU A 461 25.17 -9.41 9.44
N ARG A 462 26.24 -10.01 8.95
CA ARG A 462 27.56 -9.48 9.19
C ARG A 462 27.99 -8.67 7.96
N HIS A 463 28.79 -7.63 8.20
CA HIS A 463 29.29 -6.80 7.11
C HIS A 463 30.51 -7.50 6.52
N VAL A 464 30.40 -7.94 5.27
CA VAL A 464 31.49 -8.66 4.60
C VAL A 464 32.88 -8.04 4.74
N GLY A 465 33.86 -8.90 5.00
CA GLY A 465 35.22 -8.44 5.17
C GLY A 465 35.49 -7.77 6.51
N SER A 466 34.57 -7.91 7.46
CA SER A 466 34.76 -7.31 8.77
C SER A 466 34.19 -8.28 9.79
N ASN A 467 34.11 -7.84 11.04
CA ASN A 467 33.58 -8.66 12.10
C ASN A 467 32.50 -7.79 12.76
N LEU A 468 31.84 -7.00 11.92
CA LEU A 468 30.78 -6.09 12.35
C LEU A 468 29.40 -6.66 11.98
N CYS A 469 28.45 -6.54 12.89
CA CYS A 469 27.11 -7.05 12.62
C CYS A 469 26.08 -5.93 12.77
N LEU A 470 24.96 -6.07 12.06
CA LEU A 470 23.88 -5.07 12.10
C LEU A 470 23.27 -5.14 13.50
N ASP A 471 23.14 -3.99 14.15
CA ASP A 471 22.65 -3.97 15.54
C ASP A 471 21.57 -2.91 15.85
N SER A 472 20.65 -3.26 16.77
CA SER A 472 19.54 -2.39 17.17
C SER A 472 19.86 -1.49 18.36
N ARG A 473 20.74 -1.97 19.23
CA ARG A 473 21.20 -1.29 20.43
C ARG A 473 21.02 0.22 20.41
N THR A 474 21.49 0.84 19.33
CA THR A 474 21.45 2.29 19.15
C THR A 474 20.16 2.87 18.53
N ALA A 475 19.17 2.01 18.29
CA ALA A 475 17.91 2.42 17.68
C ALA A 475 17.31 3.70 18.23
N LYS A 476 17.28 3.80 19.56
CA LYS A 476 16.73 4.96 20.25
C LYS A 476 17.71 6.11 20.27
N SER A 477 18.94 5.85 19.81
CA SER A 477 19.97 6.87 19.78
C SER A 477 20.27 7.37 18.37
N GLY A 478 19.45 6.96 17.40
CA GLY A 478 19.68 7.41 16.05
C GLY A 478 19.52 6.36 14.97
N GLY A 479 19.21 5.12 15.34
CA GLY A 479 19.01 4.10 14.34
C GLY A 479 19.95 2.93 14.39
N LEU A 480 19.76 1.99 13.47
CA LEU A 480 20.59 0.79 13.43
C LEU A 480 22.03 1.17 13.14
N SER A 481 22.93 0.35 13.67
CA SER A 481 24.35 0.61 13.51
C SER A 481 25.08 -0.70 13.31
N VAL A 482 26.39 -0.59 13.16
CA VAL A 482 27.23 -1.75 12.97
C VAL A 482 28.05 -1.92 14.24
N GLU A 483 27.91 -3.08 14.88
CA GLU A 483 28.61 -3.38 16.13
C GLU A 483 29.51 -4.59 15.86
N VAL A 484 30.36 -4.94 16.81
CA VAL A 484 31.20 -6.12 16.63
C VAL A 484 30.30 -7.31 16.94
N CYS A 485 30.25 -8.26 16.01
CA CYS A 485 29.39 -9.43 16.15
C CYS A 485 29.48 -10.09 17.52
N GLY A 486 28.32 -10.33 18.11
CA GLY A 486 28.30 -10.94 19.43
C GLY A 486 26.97 -11.57 19.76
N PRO A 487 26.83 -12.06 21.00
CA PRO A 487 25.64 -12.72 21.53
C PRO A 487 24.35 -11.88 21.61
N ALA A 488 24.49 -10.56 21.74
CA ALA A 488 23.34 -9.65 21.83
C ALA A 488 22.18 -10.02 20.89
N LEU A 489 20.95 -9.96 21.42
CA LEU A 489 19.77 -10.29 20.63
C LEU A 489 19.41 -9.19 19.65
N SER A 490 19.96 -8.01 19.88
CA SER A 490 19.71 -6.88 18.99
C SER A 490 20.53 -7.07 17.71
N GLN A 491 21.18 -8.23 17.58
CA GLN A 491 21.98 -8.57 16.41
C GLN A 491 21.29 -9.69 15.63
N GLN A 492 20.13 -10.10 16.11
CA GLN A 492 19.37 -11.15 15.45
C GLN A 492 18.47 -10.56 14.37
N TRP A 493 18.63 -11.07 13.14
CA TRP A 493 17.82 -10.62 12.01
C TRP A 493 17.41 -11.83 11.19
N LYS A 494 16.17 -11.81 10.71
CA LYS A 494 15.63 -12.92 9.94
C LYS A 494 14.83 -12.45 8.77
N PHE A 495 15.15 -12.97 7.58
CA PHE A 495 14.37 -12.60 6.40
C PHE A 495 13.19 -13.55 6.47
N THR A 496 12.05 -13.14 5.94
CA THR A 496 10.88 -14.02 5.96
C THR A 496 11.17 -15.32 5.18
N LEU A 497 11.90 -15.21 4.07
CA LEU A 497 12.25 -16.42 3.33
C LEU A 497 13.72 -16.42 2.92
N ASN A 498 14.33 -17.60 3.00
CA ASN A 498 15.73 -17.76 2.67
C ASN A 498 15.91 -18.88 1.66
N LEU A 499 16.41 -18.54 0.48
CA LEU A 499 16.61 -19.53 -0.55
C LEU A 499 18.02 -20.11 -0.36
N GLN A 500 18.28 -20.59 0.85
CA GLN A 500 19.57 -21.18 1.18
C GLN A 500 19.48 -22.25 2.25
N LEU B 4 40.09 39.12 -20.63
CA LEU B 4 39.67 39.16 -19.20
C LEU B 4 38.98 37.88 -18.76
N LYS B 5 38.47 37.13 -19.72
CA LYS B 5 37.77 35.89 -19.44
C LYS B 5 38.78 34.73 -19.40
N VAL B 6 38.68 33.89 -18.37
CA VAL B 6 39.59 32.75 -18.22
C VAL B 6 38.88 31.41 -18.17
N ARG B 7 39.51 30.38 -18.74
CA ARG B 7 38.94 29.03 -18.73
C ARG B 7 38.68 28.63 -17.30
N TRP B 8 38.08 27.46 -17.08
CA TRP B 8 37.82 27.06 -15.71
C TRP B 8 39.00 26.33 -15.07
N PRO B 9 39.69 25.46 -15.83
CA PRO B 9 40.82 24.77 -15.21
C PRO B 9 41.87 25.77 -14.73
N ASP B 10 41.83 26.98 -15.27
CA ASP B 10 42.79 28.02 -14.93
C ASP B 10 42.28 29.00 -13.89
N PHE B 11 41.21 28.66 -13.20
CA PHE B 11 40.70 29.58 -12.19
C PHE B 11 41.33 29.26 -10.85
N ASN B 12 41.83 30.30 -10.19
CA ASN B 12 42.47 30.12 -8.89
C ASN B 12 41.41 30.07 -7.80
N GLN B 13 41.14 28.86 -7.31
CA GLN B 13 40.14 28.69 -6.27
C GLN B 13 40.69 29.23 -4.95
N GLU B 14 41.99 29.02 -4.76
CA GLU B 14 42.70 29.49 -3.57
C GLU B 14 42.32 30.93 -3.27
N ALA B 15 42.60 31.79 -4.23
CA ALA B 15 42.30 33.20 -4.10
C ALA B 15 40.83 33.40 -3.79
N TYR B 16 39.98 32.77 -4.60
CA TYR B 16 38.54 32.90 -4.43
C TYR B 16 38.04 32.40 -3.07
N VAL B 17 38.29 31.13 -2.79
CA VAL B 17 37.84 30.53 -1.55
C VAL B 17 38.41 31.27 -0.33
N GLY B 18 39.71 31.57 -0.39
CA GLY B 18 40.36 32.27 0.70
C GLY B 18 39.96 33.73 0.86
N GLY B 19 38.72 34.06 0.49
CA GLY B 19 38.25 35.45 0.60
C GLY B 19 37.22 35.65 1.71
N PHE B 34 24.79 24.39 6.88
CA PHE B 34 25.67 23.23 6.86
C PHE B 34 27.13 23.54 7.25
N ASN B 35 27.97 22.50 7.24
CA ASN B 35 29.38 22.61 7.59
C ASN B 35 30.20 23.22 6.46
N GLN B 36 30.48 24.51 6.57
CA GLN B 36 31.24 25.23 5.56
C GLN B 36 32.72 24.82 5.50
N VAL B 37 33.24 24.29 6.61
CA VAL B 37 34.65 23.91 6.69
C VAL B 37 35.08 22.78 5.75
N GLU B 38 34.31 21.70 5.71
CA GLU B 38 34.64 20.56 4.85
C GLU B 38 34.32 20.87 3.40
N SER B 39 33.47 21.88 3.21
CA SER B 39 33.06 22.31 1.88
C SER B 39 34.27 22.87 1.14
N ASP B 40 35.03 23.74 1.79
CA ASP B 40 36.21 24.36 1.18
C ASP B 40 37.36 23.38 1.10
N LYS B 41 37.24 22.27 1.83
CA LYS B 41 38.28 21.28 1.84
C LYS B 41 38.38 20.57 0.50
N LEU B 42 37.25 20.46 -0.20
CA LEU B 42 37.18 19.81 -1.52
C LEU B 42 37.59 20.72 -2.65
N ARG B 43 38.25 20.16 -3.67
CA ARG B 43 38.65 20.98 -4.80
C ARG B 43 37.50 21.09 -5.80
N MET B 44 37.33 22.29 -6.35
CA MET B 44 36.27 22.61 -7.32
C MET B 44 35.85 21.55 -8.34
N ASP B 45 36.78 20.76 -8.85
CA ASP B 45 36.41 19.75 -9.83
C ASP B 45 36.62 18.33 -9.31
N ARG B 46 36.33 18.16 -8.02
CA ARG B 46 36.48 16.86 -7.36
C ARG B 46 35.58 15.79 -7.97
N ALA B 47 36.13 14.60 -8.11
CA ALA B 47 35.38 13.49 -8.67
C ALA B 47 34.22 13.15 -7.75
N ILE B 48 33.20 12.54 -8.34
CA ILE B 48 32.03 12.11 -7.60
C ILE B 48 31.58 10.81 -8.25
N PRO B 49 31.19 9.83 -7.42
CA PRO B 49 30.75 8.53 -7.92
C PRO B 49 29.61 8.64 -8.92
N ASP B 50 29.75 7.96 -10.04
CA ASP B 50 28.71 7.98 -11.07
C ASP B 50 27.53 7.19 -10.50
N THR B 51 26.45 7.88 -10.20
CA THR B 51 25.30 7.23 -9.61
C THR B 51 24.25 6.72 -10.60
N ARG B 52 24.43 7.00 -11.88
CA ARG B 52 23.48 6.58 -12.90
C ARG B 52 23.43 5.08 -13.14
N HIS B 53 22.30 4.63 -13.66
CA HIS B 53 22.08 3.23 -13.99
C HIS B 53 23.17 2.84 -15.00
N ASP B 54 23.31 1.55 -15.27
CA ASP B 54 24.32 1.10 -16.19
C ASP B 54 23.94 1.44 -17.63
N GLN B 55 22.63 1.52 -17.87
CA GLN B 55 22.13 1.83 -19.19
C GLN B 55 22.50 3.24 -19.69
N CYS B 56 22.69 4.18 -18.76
CA CYS B 56 23.02 5.55 -19.15
C CYS B 56 24.41 5.72 -19.75
N GLN B 57 25.44 5.38 -18.96
CA GLN B 57 26.83 5.53 -19.40
C GLN B 57 27.10 5.11 -20.84
N ARG B 58 26.27 4.23 -21.37
CA ARG B 58 26.44 3.79 -22.74
C ARG B 58 25.22 3.99 -23.62
N LYS B 59 24.70 5.22 -23.59
CA LYS B 59 23.56 5.57 -24.40
C LYS B 59 23.99 6.73 -25.29
N GLN B 60 23.39 6.81 -26.46
CA GLN B 60 23.72 7.88 -27.42
C GLN B 60 22.82 9.09 -27.20
N TRP B 61 23.41 10.28 -27.15
CA TRP B 61 22.63 11.50 -26.90
C TRP B 61 22.31 12.34 -28.15
N ARG B 62 21.03 12.28 -28.52
CA ARG B 62 20.41 12.95 -29.67
C ARG B 62 21.22 13.91 -30.54
N VAL B 63 21.00 13.83 -31.86
CA VAL B 63 21.67 14.68 -32.86
C VAL B 63 22.25 15.87 -32.13
N ASP B 64 21.40 16.84 -31.86
CA ASP B 64 21.81 17.99 -31.09
C ASP B 64 20.70 18.91 -30.68
N LEU B 65 20.56 18.95 -29.37
CA LEU B 65 19.56 19.71 -28.66
C LEU B 65 19.93 21.17 -28.62
N PRO B 66 19.01 22.00 -28.13
CA PRO B 66 19.25 23.44 -28.05
C PRO B 66 20.14 23.79 -26.85
N ALA B 67 21.00 24.79 -27.01
CA ALA B 67 21.88 25.19 -25.92
C ALA B 67 20.98 25.74 -24.83
N THR B 68 21.53 25.83 -23.61
CA THR B 68 20.75 26.33 -22.51
C THR B 68 21.42 27.47 -21.73
N SER B 69 20.61 28.20 -20.97
CA SER B 69 21.11 29.27 -20.15
C SER B 69 20.91 28.75 -18.73
N VAL B 70 22.00 28.31 -18.10
CA VAL B 70 21.95 27.80 -16.73
C VAL B 70 21.85 28.97 -15.75
N VAL B 71 20.78 29.01 -14.97
CA VAL B 71 20.54 30.08 -13.98
C VAL B 71 20.70 29.61 -12.52
N ILE B 72 21.66 30.20 -11.82
CA ILE B 72 21.92 29.86 -10.42
C ILE B 72 21.75 31.13 -9.59
N THR B 73 20.70 31.16 -8.79
CA THR B 73 20.40 32.30 -7.95
C THR B 73 20.85 31.99 -6.51
N PHE B 74 21.22 33.01 -5.74
CA PHE B 74 21.68 32.78 -4.36
C PHE B 74 21.73 33.99 -3.44
N HIS B 75 21.92 33.72 -2.15
CA HIS B 75 22.00 34.74 -1.11
C HIS B 75 22.95 34.29 0.01
N ASN B 76 24.23 34.59 -0.16
CA ASN B 76 25.25 34.21 0.82
C ASN B 76 25.47 32.72 0.81
N GLU B 77 26.19 32.25 -0.18
CA GLU B 77 26.49 30.83 -0.30
C GLU B 77 27.98 30.65 -0.03
N ALA B 78 28.37 29.41 0.25
CA ALA B 78 29.76 29.11 0.51
C ALA B 78 30.48 29.21 -0.82
N ARG B 79 31.48 30.08 -0.89
CA ARG B 79 32.24 30.25 -2.13
C ARG B 79 32.67 28.91 -2.70
N SER B 80 33.08 27.98 -1.84
CA SER B 80 33.53 26.66 -2.29
C SER B 80 32.39 25.88 -2.95
N ALA B 81 31.19 26.07 -2.42
CA ALA B 81 30.00 25.41 -2.95
C ALA B 81 29.66 26.03 -4.31
N LEU B 82 29.42 27.34 -4.31
CA LEU B 82 29.09 28.06 -5.53
C LEU B 82 30.08 27.74 -6.64
N LEU B 83 31.37 27.89 -6.36
CA LEU B 83 32.38 27.59 -7.36
C LEU B 83 32.24 26.16 -7.86
N ARG B 84 32.13 25.22 -6.94
CA ARG B 84 32.01 23.82 -7.31
C ARG B 84 30.79 23.57 -8.20
N THR B 85 29.74 24.36 -7.99
CA THR B 85 28.51 24.25 -8.79
C THR B 85 28.80 24.72 -10.23
N VAL B 86 29.27 25.96 -10.33
CA VAL B 86 29.61 26.56 -11.61
C VAL B 86 30.61 25.74 -12.40
N VAL B 87 31.68 25.28 -11.76
CA VAL B 87 32.67 24.50 -12.47
C VAL B 87 32.09 23.13 -12.80
N SER B 88 31.16 22.69 -11.96
CA SER B 88 30.50 21.41 -12.18
C SER B 88 29.82 21.40 -13.54
N VAL B 89 29.05 22.45 -13.81
CA VAL B 89 28.34 22.59 -15.07
C VAL B 89 29.30 22.66 -16.25
N LEU B 90 30.33 23.49 -16.11
CA LEU B 90 31.28 23.67 -17.19
C LEU B 90 32.01 22.39 -17.53
N LYS B 91 32.42 21.64 -16.52
CA LYS B 91 33.15 20.40 -16.74
C LYS B 91 32.32 19.22 -17.21
N LYS B 92 31.13 19.05 -16.65
CA LYS B 92 30.27 17.91 -16.99
C LYS B 92 29.36 18.00 -18.22
N SER B 93 29.15 19.20 -18.76
CA SER B 93 28.29 19.34 -19.92
C SER B 93 28.99 19.87 -21.17
N PRO B 94 28.62 19.31 -22.34
CA PRO B 94 29.17 19.66 -23.66
C PRO B 94 29.21 21.17 -23.84
N PRO B 95 30.41 21.73 -23.95
CA PRO B 95 30.61 23.18 -24.13
C PRO B 95 29.58 23.90 -25.01
N HIS B 96 29.18 23.27 -26.11
CA HIS B 96 28.23 23.91 -27.02
C HIS B 96 26.80 23.92 -26.54
N LEU B 97 26.49 23.15 -25.51
CA LEU B 97 25.13 23.13 -25.00
C LEU B 97 24.97 24.18 -23.90
N ILE B 98 26.09 24.65 -23.37
CA ILE B 98 26.04 25.67 -22.34
C ILE B 98 26.28 27.02 -22.99
N LYS B 99 25.20 27.72 -23.32
CA LYS B 99 25.34 29.01 -23.94
C LYS B 99 25.95 29.98 -22.96
N GLU B 100 25.52 29.89 -21.71
CA GLU B 100 26.01 30.77 -20.65
C GLU B 100 25.60 30.25 -19.27
N ILE B 101 26.04 30.95 -18.24
CA ILE B 101 25.71 30.62 -16.86
C ILE B 101 25.43 31.96 -16.22
N ILE B 102 24.19 32.16 -15.79
CA ILE B 102 23.79 33.42 -15.19
C ILE B 102 23.70 33.32 -13.69
N LEU B 103 24.66 33.92 -13.00
CA LEU B 103 24.64 33.92 -11.54
C LEU B 103 23.80 35.11 -11.10
N VAL B 104 22.94 34.91 -10.11
CA VAL B 104 22.12 36.00 -9.61
C VAL B 104 22.40 36.15 -8.12
N ASP B 105 23.15 37.19 -7.76
CA ASP B 105 23.50 37.47 -6.37
C ASP B 105 22.32 38.17 -5.70
N ASP B 106 21.48 37.39 -5.02
CA ASP B 106 20.31 37.94 -4.36
C ASP B 106 20.69 38.70 -3.10
N TYR B 107 21.46 39.76 -3.29
CA TYR B 107 21.91 40.64 -2.23
C TYR B 107 22.85 40.01 -1.20
N SER B 108 23.88 39.31 -1.68
CA SER B 108 24.84 38.70 -0.77
C SER B 108 25.52 39.84 -0.01
N ASN B 109 26.19 39.51 1.08
CA ASN B 109 26.87 40.51 1.87
C ASN B 109 28.14 40.92 1.13
N ASP B 110 28.80 39.94 0.52
CA ASP B 110 30.02 40.21 -0.23
C ASP B 110 29.78 40.11 -1.74
N PRO B 111 29.52 41.24 -2.42
CA PRO B 111 29.27 41.23 -3.85
C PRO B 111 30.39 40.49 -4.58
N GLU B 112 31.55 40.45 -3.95
CA GLU B 112 32.70 39.78 -4.55
C GLU B 112 32.46 38.30 -4.76
N ASP B 113 31.58 37.74 -3.93
CA ASP B 113 31.24 36.33 -4.01
C ASP B 113 30.88 36.02 -5.45
N GLY B 114 29.88 36.73 -5.95
CA GLY B 114 29.49 36.51 -7.33
C GLY B 114 30.50 37.08 -8.30
N ALA B 115 30.76 38.38 -8.16
CA ALA B 115 31.68 39.10 -9.02
C ALA B 115 32.96 38.35 -9.37
N LEU B 116 33.70 37.91 -8.35
CA LEU B 116 34.95 37.21 -8.61
C LEU B 116 34.81 36.03 -9.56
N LEU B 117 33.58 35.54 -9.72
CA LEU B 117 33.33 34.39 -10.60
C LEU B 117 33.06 34.81 -12.04
N GLY B 118 32.64 36.05 -12.22
CA GLY B 118 32.37 36.57 -13.54
C GLY B 118 33.57 36.50 -14.48
N LYS B 119 34.76 36.24 -13.93
CA LYS B 119 35.96 36.15 -14.75
C LYS B 119 36.09 34.80 -15.44
N ILE B 120 35.22 33.88 -15.05
CA ILE B 120 35.26 32.54 -15.63
C ILE B 120 34.48 32.50 -16.95
N GLU B 121 34.96 31.66 -17.86
CA GLU B 121 34.33 31.49 -19.16
C GLU B 121 32.80 31.37 -19.07
N LYS B 122 32.13 32.12 -19.93
CA LYS B 122 30.67 32.20 -20.03
C LYS B 122 29.88 32.38 -18.76
N VAL B 123 30.52 32.86 -17.70
CA VAL B 123 29.83 33.11 -16.44
C VAL B 123 29.48 34.61 -16.36
N ARG B 124 28.19 34.92 -16.26
CA ARG B 124 27.77 36.31 -16.15
C ARG B 124 27.15 36.42 -14.77
N VAL B 125 27.10 37.62 -14.21
CA VAL B 125 26.53 37.78 -12.89
C VAL B 125 25.72 39.05 -12.71
N LEU B 126 24.48 38.88 -12.28
CA LEU B 126 23.56 39.99 -12.00
C LEU B 126 23.59 40.21 -10.49
N ARG B 127 23.35 41.44 -10.08
CA ARG B 127 23.37 41.79 -8.66
C ARG B 127 22.06 42.45 -8.29
N ASN B 128 21.51 42.12 -7.13
CA ASN B 128 20.27 42.73 -6.70
C ASN B 128 20.54 43.78 -5.65
N ASP B 129 19.65 44.77 -5.59
CA ASP B 129 19.76 45.89 -4.65
C ASP B 129 19.26 45.52 -3.26
N ARG B 130 18.05 44.96 -3.21
CA ARG B 130 17.46 44.52 -1.95
C ARG B 130 17.33 43.01 -2.03
N ARG B 131 17.15 42.34 -0.90
CA ARG B 131 16.97 40.89 -0.90
C ARG B 131 15.69 40.66 -1.70
N GLU B 132 15.73 39.78 -2.69
CA GLU B 132 14.55 39.52 -3.52
C GLU B 132 13.93 38.14 -3.34
N GLY B 133 14.74 37.18 -2.90
CA GLY B 133 14.24 35.83 -2.71
C GLY B 133 14.41 35.05 -3.98
N LEU B 134 14.34 33.72 -3.86
CA LEU B 134 14.52 32.82 -4.99
C LEU B 134 13.63 33.11 -6.19
N MET B 135 12.32 33.17 -5.96
CA MET B 135 11.38 33.43 -7.04
C MET B 135 11.76 34.61 -7.92
N ARG B 136 11.65 35.82 -7.39
CA ARG B 136 11.97 37.01 -8.16
C ARG B 136 13.32 36.92 -8.84
N SER B 137 14.33 36.43 -8.11
CA SER B 137 15.67 36.34 -8.68
C SER B 137 15.77 35.44 -9.90
N ARG B 138 15.08 34.30 -9.89
CA ARG B 138 15.12 33.40 -11.03
C ARG B 138 14.47 34.04 -12.24
N VAL B 139 13.38 34.76 -12.00
CA VAL B 139 12.69 35.44 -13.08
C VAL B 139 13.61 36.54 -13.61
N ARG B 140 14.46 37.07 -12.74
CA ARG B 140 15.39 38.12 -13.12
C ARG B 140 16.38 37.44 -14.06
N GLY B 141 16.96 36.35 -13.60
CA GLY B 141 17.92 35.60 -14.41
C GLY B 141 17.28 35.00 -15.65
N ALA B 142 16.02 34.58 -15.53
CA ALA B 142 15.29 33.99 -16.64
C ALA B 142 15.08 35.00 -17.76
N ASP B 143 14.64 36.21 -17.38
CA ASP B 143 14.39 37.25 -18.36
C ASP B 143 15.67 37.69 -19.06
N ALA B 144 16.79 37.58 -18.34
CA ALA B 144 18.07 37.97 -18.86
C ALA B 144 18.79 36.92 -19.69
N ALA B 145 18.20 35.72 -19.78
CA ALA B 145 18.80 34.61 -20.53
C ALA B 145 18.87 34.82 -22.04
N GLN B 146 19.86 34.23 -22.68
CA GLN B 146 20.11 34.36 -24.12
C GLN B 146 19.82 33.11 -24.95
N ALA B 147 19.56 31.99 -24.28
CA ALA B 147 19.30 30.75 -25.00
C ALA B 147 17.81 30.47 -25.08
N LYS B 148 17.46 29.34 -25.69
CA LYS B 148 16.06 28.96 -25.83
C LYS B 148 15.60 28.14 -24.64
N VAL B 149 16.51 27.36 -24.07
CA VAL B 149 16.18 26.50 -22.94
C VAL B 149 16.74 26.99 -21.61
N LEU B 150 15.91 26.97 -20.56
CA LEU B 150 16.35 27.41 -19.22
C LEU B 150 16.64 26.26 -18.28
N THR B 151 17.80 26.28 -17.65
CA THR B 151 18.13 25.26 -16.66
C THR B 151 18.29 25.97 -15.33
N PHE B 152 17.59 25.49 -14.30
CA PHE B 152 17.68 26.10 -12.97
C PHE B 152 18.41 25.21 -11.97
N LEU B 153 19.51 25.72 -11.41
CA LEU B 153 20.28 24.99 -10.40
C LEU B 153 20.41 25.84 -9.15
N ASP B 154 20.65 25.20 -8.01
CA ASP B 154 20.81 25.88 -6.73
C ASP B 154 22.31 26.22 -6.58
N SER B 155 22.64 27.11 -5.65
CA SER B 155 24.03 27.50 -5.46
C SER B 155 24.89 26.42 -4.79
N HIS B 156 24.31 25.24 -4.59
CA HIS B 156 25.03 24.15 -3.95
C HIS B 156 24.75 22.80 -4.58
N CYS B 157 25.15 22.64 -5.84
CA CYS B 157 24.94 21.39 -6.56
C CYS B 157 26.22 20.94 -7.21
N GLU B 158 26.20 19.72 -7.74
CA GLU B 158 27.34 19.17 -8.44
C GLU B 158 26.79 18.22 -9.47
N CYS B 159 26.72 18.67 -10.72
CA CYS B 159 26.22 17.85 -11.82
C CYS B 159 27.07 16.61 -12.03
N ASN B 160 26.45 15.51 -12.46
CA ASN B 160 27.20 14.28 -12.69
C ASN B 160 27.39 14.02 -14.19
N GLU B 161 28.01 12.90 -14.52
CA GLU B 161 28.27 12.54 -15.91
C GLU B 161 27.07 12.67 -16.85
N HIS B 162 27.31 13.32 -18.00
CA HIS B 162 26.28 13.51 -19.02
C HIS B 162 24.91 13.77 -18.41
N TRP B 163 24.86 14.71 -17.49
CA TRP B 163 23.62 15.07 -16.80
C TRP B 163 22.63 15.89 -17.65
N LEU B 164 23.15 16.71 -18.58
CA LEU B 164 22.30 17.60 -19.38
C LEU B 164 21.58 17.03 -20.60
N GLU B 165 22.31 16.38 -21.49
CA GLU B 165 21.70 15.83 -22.70
C GLU B 165 20.36 15.18 -22.41
N PRO B 166 20.30 14.28 -21.41
CA PRO B 166 19.07 13.58 -21.04
C PRO B 166 17.89 14.52 -20.79
N LEU B 167 18.17 15.68 -20.21
CA LEU B 167 17.12 16.64 -19.93
C LEU B 167 16.73 17.40 -21.18
N LEU B 168 17.73 17.95 -21.87
CA LEU B 168 17.47 18.72 -23.08
C LEU B 168 16.75 17.88 -24.11
N GLU B 169 17.15 16.62 -24.19
CA GLU B 169 16.56 15.69 -25.14
C GLU B 169 15.05 15.70 -24.99
N ARG B 170 14.61 15.74 -23.74
CA ARG B 170 13.19 15.74 -23.42
C ARG B 170 12.48 16.97 -23.92
N VAL B 171 12.98 18.15 -23.55
CA VAL B 171 12.33 19.37 -23.98
C VAL B 171 12.50 19.63 -25.46
N ALA B 172 13.48 18.98 -26.09
CA ALA B 172 13.63 19.17 -27.51
C ALA B 172 12.38 18.61 -28.18
N GLU B 173 11.90 17.47 -27.68
CA GLU B 173 10.70 16.83 -28.21
C GLU B 173 9.43 17.57 -27.85
N ASP B 174 9.20 17.77 -26.57
CA ASP B 174 7.98 18.46 -26.17
C ASP B 174 8.32 19.62 -25.22
N ARG B 175 8.11 20.83 -25.72
CA ARG B 175 8.39 22.05 -24.96
C ARG B 175 7.53 22.19 -23.72
N THR B 176 6.45 21.42 -23.66
CA THR B 176 5.55 21.48 -22.51
C THR B 176 6.05 20.64 -21.34
N ARG B 177 7.11 19.88 -21.57
CA ARG B 177 7.69 19.06 -20.51
C ARG B 177 8.62 19.89 -19.65
N VAL B 178 8.35 19.92 -18.36
CA VAL B 178 9.20 20.62 -17.41
C VAL B 178 9.98 19.48 -16.78
N VAL B 179 11.23 19.29 -17.19
CA VAL B 179 12.01 18.16 -16.67
C VAL B 179 13.02 18.40 -15.53
N SER B 180 13.19 17.38 -14.70
CA SER B 180 14.12 17.43 -13.56
C SER B 180 14.93 16.15 -13.48
N PRO B 181 16.16 16.21 -12.96
CA PRO B 181 17.02 15.04 -12.83
C PRO B 181 16.81 14.37 -11.48
N ILE B 182 17.39 13.18 -11.29
CA ILE B 182 17.29 12.55 -9.98
C ILE B 182 18.20 13.44 -9.13
N ILE B 183 17.69 13.92 -8.00
CA ILE B 183 18.50 14.76 -7.14
C ILE B 183 19.22 13.95 -6.06
N ASP B 184 20.52 13.79 -6.25
CA ASP B 184 21.34 13.05 -5.30
C ASP B 184 21.63 13.86 -4.04
N VAL B 185 22.07 13.17 -3.01
CA VAL B 185 22.35 13.82 -1.75
C VAL B 185 23.83 14.07 -1.54
N ILE B 186 24.13 15.31 -1.15
CA ILE B 186 25.50 15.67 -0.85
C ILE B 186 25.45 15.90 0.65
N ASN B 187 26.11 15.02 1.39
CA ASN B 187 26.13 15.09 2.83
C ASN B 187 26.47 16.48 3.34
N MET B 188 25.58 17.07 4.13
CA MET B 188 25.79 18.41 4.64
C MET B 188 26.93 18.49 5.64
N ASP B 189 27.46 17.33 6.04
CA ASP B 189 28.55 17.32 7.01
C ASP B 189 29.87 16.90 6.41
N ASN B 190 29.89 15.79 5.67
CA ASN B 190 31.14 15.32 5.09
C ASN B 190 31.20 15.45 3.58
N PHE B 191 30.14 16.01 3.00
CA PHE B 191 30.05 16.20 1.57
C PHE B 191 30.26 14.96 0.71
N GLN B 192 29.92 13.80 1.26
CA GLN B 192 30.03 12.57 0.48
C GLN B 192 28.86 12.69 -0.52
N TYR B 193 29.05 12.18 -1.73
CA TYR B 193 28.00 12.24 -2.74
C TYR B 193 27.26 10.90 -2.72
N VAL B 194 25.97 10.96 -2.41
CA VAL B 194 25.16 9.75 -2.31
C VAL B 194 24.00 9.70 -3.31
N GLY B 195 23.88 8.59 -4.02
CA GLY B 195 22.81 8.46 -4.99
C GLY B 195 21.43 8.31 -4.35
N ALA B 196 20.46 9.04 -4.89
CA ALA B 196 19.10 8.99 -4.37
C ALA B 196 18.38 7.91 -5.15
N SER B 197 17.16 7.57 -4.74
CA SER B 197 16.41 6.53 -5.46
C SER B 197 15.73 7.05 -6.73
N ALA B 198 15.70 6.20 -7.75
CA ALA B 198 15.08 6.55 -9.02
C ALA B 198 13.75 5.83 -9.18
N ASP B 199 13.26 5.28 -8.07
CA ASP B 199 12.01 4.55 -8.08
C ASP B 199 10.94 5.25 -7.26
N LEU B 200 11.11 6.56 -7.04
CA LEU B 200 10.14 7.33 -6.26
C LEU B 200 9.68 8.59 -7.00
N LYS B 201 8.51 9.11 -6.66
CA LYS B 201 8.02 10.34 -7.30
C LYS B 201 7.39 11.23 -6.25
N GLY B 202 7.55 12.53 -6.42
CA GLY B 202 6.98 13.48 -5.48
C GLY B 202 5.48 13.40 -5.35
N GLY B 203 5.00 13.58 -4.12
CA GLY B 203 3.59 13.56 -3.83
C GLY B 203 3.36 14.51 -2.68
N PHE B 204 2.16 14.50 -2.11
CA PHE B 204 1.88 15.38 -0.98
C PHE B 204 0.63 14.98 -0.24
N ASP B 205 0.28 15.76 0.78
CA ASP B 205 -0.90 15.48 1.58
C ASP B 205 -1.71 16.75 1.67
N TRP B 206 -2.88 16.66 2.28
CA TRP B 206 -3.74 17.83 2.40
C TRP B 206 -3.15 18.94 3.26
N ASN B 207 -1.96 18.69 3.80
CA ASN B 207 -1.28 19.70 4.60
C ASN B 207 -0.27 20.32 3.63
N LEU B 208 -0.40 19.93 2.35
CA LEU B 208 0.45 20.40 1.27
C LEU B 208 1.97 20.38 1.54
N VAL B 209 2.41 19.32 2.21
CA VAL B 209 3.81 19.13 2.53
C VAL B 209 4.33 18.01 1.63
N PHE B 210 5.46 18.26 0.97
CA PHE B 210 6.04 17.27 0.05
C PHE B 210 6.09 15.89 0.69
N LYS B 211 6.07 14.87 -0.15
CA LYS B 211 6.10 13.49 0.32
C LYS B 211 6.60 12.57 -0.78
N TRP B 212 7.22 11.46 -0.41
CA TRP B 212 7.69 10.51 -1.40
C TRP B 212 6.66 9.41 -1.62
N ASP B 213 6.45 9.05 -2.89
CA ASP B 213 5.50 8.01 -3.27
C ASP B 213 6.24 6.96 -4.09
N TYR B 214 5.73 5.73 -4.06
CA TYR B 214 6.31 4.64 -4.86
C TYR B 214 5.70 4.86 -6.24
N MET B 215 6.15 4.12 -7.25
CA MET B 215 5.55 4.36 -8.55
C MET B 215 4.42 3.43 -8.94
N THR B 216 3.62 3.92 -9.89
CA THR B 216 2.48 3.21 -10.42
C THR B 216 2.87 1.90 -11.08
N PRO B 217 2.04 0.86 -10.90
CA PRO B 217 2.34 -0.44 -11.51
C PRO B 217 2.67 -0.24 -12.97
N GLU B 218 1.96 0.71 -13.59
CA GLU B 218 2.17 1.03 -15.00
C GLU B 218 3.59 1.55 -15.20
N GLN B 219 4.04 2.42 -14.30
CA GLN B 219 5.38 2.97 -14.39
C GLN B 219 6.38 1.87 -14.10
N ARG B 220 6.08 1.07 -13.09
CA ARG B 220 6.96 -0.02 -12.71
C ARG B 220 7.08 -0.98 -13.87
N ARG B 221 5.99 -1.16 -14.61
CA ARG B 221 5.99 -2.04 -15.76
C ARG B 221 6.95 -1.50 -16.81
N SER B 222 6.61 -0.35 -17.40
CA SER B 222 7.47 0.23 -18.41
C SER B 222 8.91 0.29 -17.94
N ARG B 223 9.11 0.33 -16.63
CA ARG B 223 10.46 0.39 -16.09
C ARG B 223 11.17 -0.93 -16.27
N GLN B 224 10.43 -2.03 -16.26
CA GLN B 224 11.07 -3.32 -16.46
C GLN B 224 11.30 -3.48 -17.95
N GLY B 225 10.55 -2.70 -18.74
CA GLY B 225 10.71 -2.71 -20.18
C GLY B 225 11.87 -1.82 -20.58
N ASN B 226 12.09 -0.78 -19.78
CA ASN B 226 13.17 0.18 -20.00
C ASN B 226 13.62 0.65 -18.61
N PRO B 227 14.70 0.07 -18.10
CA PRO B 227 15.20 0.45 -16.76
C PRO B 227 15.36 1.95 -16.45
N VAL B 228 15.76 2.76 -17.43
CA VAL B 228 15.96 4.18 -17.16
C VAL B 228 14.92 5.08 -17.83
N ALA B 229 13.68 4.60 -17.92
CA ALA B 229 12.60 5.35 -18.55
C ALA B 229 12.12 6.53 -17.72
N PRO B 230 11.87 7.67 -18.37
CA PRO B 230 11.40 8.87 -17.68
C PRO B 230 10.03 8.57 -17.09
N ILE B 231 9.69 9.22 -15.97
CA ILE B 231 8.39 9.03 -15.34
C ILE B 231 7.75 10.38 -15.06
N LYS B 232 6.42 10.41 -14.99
CA LYS B 232 5.69 11.64 -14.71
C LYS B 232 5.54 11.78 -13.22
N THR B 233 5.60 13.00 -12.71
CA THR B 233 5.49 13.19 -11.28
C THR B 233 4.45 14.25 -10.92
N PRO B 234 3.57 13.95 -9.98
CA PRO B 234 2.53 14.88 -9.57
C PRO B 234 3.07 16.16 -8.95
N MET B 235 4.17 16.04 -8.20
CA MET B 235 4.75 17.19 -7.51
C MET B 235 6.25 17.24 -7.73
N ILE B 236 6.78 18.42 -8.03
CA ILE B 236 8.22 18.53 -8.23
C ILE B 236 8.92 18.31 -6.88
N ALA B 237 10.10 17.70 -6.93
CA ALA B 237 10.86 17.36 -5.73
C ALA B 237 11.84 18.40 -5.24
N GLY B 238 12.41 19.17 -6.18
CA GLY B 238 13.37 20.18 -5.78
C GLY B 238 13.31 21.37 -6.72
N GLY B 239 14.25 22.30 -6.54
CA GLY B 239 14.30 23.49 -7.37
C GLY B 239 15.20 23.32 -8.57
N LEU B 240 15.57 22.09 -8.90
CA LEU B 240 16.43 21.85 -10.05
C LEU B 240 15.61 21.31 -11.21
N PHE B 241 15.48 22.07 -12.28
CA PHE B 241 14.73 21.61 -13.43
C PHE B 241 15.06 22.35 -14.71
N VAL B 242 14.78 21.73 -15.85
CA VAL B 242 15.04 22.35 -17.14
C VAL B 242 13.67 22.66 -17.77
N MET B 243 13.58 23.81 -18.43
CA MET B 243 12.31 24.20 -19.01
C MET B 243 12.45 25.15 -20.20
N ASP B 244 11.68 24.90 -21.25
CA ASP B 244 11.69 25.75 -22.43
C ASP B 244 11.50 27.18 -21.92
N LYS B 245 12.30 28.11 -22.43
CA LYS B 245 12.23 29.50 -22.00
C LYS B 245 10.89 30.13 -22.32
N PHE B 246 10.46 29.94 -23.56
CA PHE B 246 9.18 30.49 -23.98
C PHE B 246 8.06 29.97 -23.06
N TYR B 247 8.04 28.66 -22.85
CA TYR B 247 7.02 28.02 -22.01
C TYR B 247 7.01 28.59 -20.61
N PHE B 248 8.19 28.77 -20.04
CA PHE B 248 8.30 29.31 -18.70
C PHE B 248 7.55 30.64 -18.60
N GLU B 249 7.71 31.47 -19.62
CA GLU B 249 7.07 32.77 -19.67
C GLU B 249 5.57 32.66 -19.97
N GLU B 250 5.22 31.75 -20.87
CA GLU B 250 3.82 31.57 -21.23
C GLU B 250 2.97 31.20 -20.01
N LEU B 251 3.45 30.26 -19.21
CA LEU B 251 2.72 29.78 -18.04
C LEU B 251 2.73 30.64 -16.79
N GLY B 252 3.38 31.80 -16.85
CA GLY B 252 3.40 32.65 -15.68
C GLY B 252 4.69 32.71 -14.88
N LYS B 253 5.80 32.34 -15.51
CA LYS B 253 7.10 32.37 -14.86
C LYS B 253 6.98 31.86 -13.42
N TYR B 254 6.92 32.79 -12.47
CA TYR B 254 6.78 32.46 -11.04
C TYR B 254 5.80 33.42 -10.39
N ASP B 255 5.36 33.12 -9.18
CA ASP B 255 4.45 34.01 -8.48
C ASP B 255 5.28 35.08 -7.75
N MET B 256 5.54 36.17 -8.45
CA MET B 256 6.34 37.29 -7.97
C MET B 256 5.95 37.81 -6.59
N MET B 257 4.86 37.29 -6.04
CA MET B 257 4.39 37.78 -4.75
C MET B 257 4.57 36.80 -3.59
N MET B 258 5.46 35.82 -3.74
CA MET B 258 5.69 34.84 -2.67
C MET B 258 6.76 35.37 -1.71
N ASP B 259 6.92 34.73 -0.55
CA ASP B 259 7.85 35.21 0.47
C ASP B 259 9.25 34.64 0.69
N VAL B 260 9.58 33.50 0.09
CA VAL B 260 10.92 32.89 0.24
C VAL B 260 11.10 31.93 1.42
N TRP B 261 9.99 31.53 2.04
CA TRP B 261 10.02 30.58 3.16
C TRP B 261 9.14 29.39 2.78
N GLY B 262 8.07 29.72 2.05
CA GLY B 262 7.12 28.70 1.62
C GLY B 262 7.51 27.95 0.38
N GLY B 263 6.79 26.86 0.14
CA GLY B 263 7.02 26.03 -1.01
C GLY B 263 6.33 26.57 -2.25
N GLU B 264 7.12 27.18 -3.12
CA GLU B 264 6.61 27.72 -4.35
C GLU B 264 6.47 26.54 -5.30
N ASN B 265 7.04 25.41 -4.89
CA ASN B 265 6.99 24.20 -5.68
C ASN B 265 5.57 23.71 -5.87
N LEU B 266 4.72 23.96 -4.88
CA LEU B 266 3.32 23.58 -4.99
C LEU B 266 2.76 24.31 -6.21
N GLU B 267 2.83 25.64 -6.16
CA GLU B 267 2.34 26.52 -7.20
C GLU B 267 2.80 26.11 -8.59
N ILE B 268 4.10 26.19 -8.84
CA ILE B 268 4.65 25.84 -10.15
C ILE B 268 4.17 24.47 -10.62
N SER B 269 4.18 23.48 -9.72
CA SER B 269 3.74 22.15 -10.10
C SER B 269 2.27 22.07 -10.54
N PHE B 270 1.37 22.59 -9.72
CA PHE B 270 -0.05 22.56 -10.08
C PHE B 270 -0.26 23.27 -11.40
N ARG B 271 0.17 24.53 -11.45
CA ARG B 271 0.05 25.36 -12.64
C ARG B 271 0.49 24.65 -13.92
N VAL B 272 1.61 23.92 -13.86
CA VAL B 272 2.09 23.22 -15.05
C VAL B 272 1.15 22.13 -15.51
N TRP B 273 0.71 21.31 -14.58
CA TRP B 273 -0.18 20.22 -14.91
C TRP B 273 -1.53 20.70 -15.37
N GLN B 274 -2.15 21.53 -14.55
CA GLN B 274 -3.47 22.04 -14.86
C GLN B 274 -3.51 22.89 -16.12
N CYS B 275 -2.44 23.61 -16.42
CA CYS B 275 -2.47 24.46 -17.60
C CYS B 275 -1.93 23.80 -18.88
N GLY B 276 -1.77 22.48 -18.88
CA GLY B 276 -1.34 21.82 -20.10
C GLY B 276 0.01 21.14 -20.18
N GLY B 277 0.92 21.43 -19.28
CA GLY B 277 2.23 20.80 -19.33
C GLY B 277 2.32 19.53 -18.50
N SER B 278 3.54 19.13 -18.16
CA SER B 278 3.78 17.94 -17.36
C SER B 278 5.15 17.98 -16.67
N LEU B 279 5.24 17.37 -15.50
CA LEU B 279 6.51 17.28 -14.76
C LEU B 279 7.11 15.90 -15.00
N GLU B 280 8.43 15.84 -15.12
CA GLU B 280 9.10 14.56 -15.35
C GLU B 280 10.40 14.42 -14.58
N ILE B 281 10.73 13.18 -14.28
CA ILE B 281 11.97 12.85 -13.59
C ILE B 281 12.76 12.00 -14.58
N ILE B 282 13.98 12.41 -14.89
CA ILE B 282 14.81 11.68 -15.85
C ILE B 282 15.93 10.93 -15.15
N PRO B 283 15.74 9.63 -14.88
CA PRO B 283 16.70 8.75 -14.20
C PRO B 283 18.18 8.86 -14.63
N CYS B 284 18.44 9.13 -15.92
CA CYS B 284 19.82 9.24 -16.40
C CYS B 284 20.51 10.56 -16.09
N SER B 285 19.70 11.53 -15.67
CA SER B 285 20.20 12.84 -15.31
C SER B 285 20.39 12.88 -13.80
N ARG B 286 21.62 13.07 -13.35
CA ARG B 286 21.93 13.13 -11.92
C ARG B 286 22.63 14.43 -11.53
N VAL B 287 22.14 15.05 -10.47
CA VAL B 287 22.74 16.30 -10.00
C VAL B 287 22.68 16.27 -8.49
N GLY B 288 23.86 16.24 -7.86
CA GLY B 288 23.92 16.22 -6.41
C GLY B 288 23.44 17.56 -5.89
N HIS B 289 23.01 17.57 -4.64
CA HIS B 289 22.50 18.77 -3.99
C HIS B 289 22.71 18.72 -2.47
N VAL B 290 23.12 19.83 -1.87
CA VAL B 290 23.35 19.86 -0.42
C VAL B 290 22.05 20.23 0.29
N PHE B 291 21.38 19.25 0.88
CA PHE B 291 20.14 19.52 1.58
C PHE B 291 20.38 20.01 3.00
N ARG B 292 19.58 20.98 3.44
CA ARG B 292 19.70 21.50 4.80
C ARG B 292 19.17 20.42 5.76
N LYS B 293 19.36 20.65 7.06
CA LYS B 293 18.89 19.69 8.05
C LYS B 293 17.37 19.74 8.12
N GLN B 294 16.74 18.56 8.16
CA GLN B 294 15.28 18.42 8.23
C GLN B 294 14.52 18.92 7.00
N HIS B 295 15.21 18.90 5.86
CA HIS B 295 14.61 19.33 4.60
C HIS B 295 13.59 18.25 4.21
N PRO B 296 12.40 18.64 3.74
CA PRO B 296 11.35 17.70 3.35
C PRO B 296 11.74 16.57 2.38
N TYR B 297 12.82 16.77 1.63
CA TYR B 297 13.32 15.78 0.65
C TYR B 297 13.94 14.58 1.35
N THR B 298 14.49 14.82 2.53
CA THR B 298 15.15 13.77 3.30
C THR B 298 14.52 13.44 4.65
N PHE B 299 13.65 14.33 5.14
CA PHE B 299 12.98 14.15 6.42
C PHE B 299 11.45 14.20 6.23
N PRO B 300 10.78 13.04 6.33
CA PRO B 300 9.32 12.97 6.16
C PRO B 300 8.56 13.99 7.02
N GLY B 301 7.90 14.94 6.36
CA GLY B 301 7.14 15.94 7.08
C GLY B 301 7.92 17.19 7.41
N GLY B 302 9.15 17.28 6.89
CA GLY B 302 9.99 18.44 7.14
C GLY B 302 10.29 18.76 8.61
N SER B 303 10.19 20.04 8.96
CA SER B 303 10.44 20.49 10.32
C SER B 303 9.13 20.81 11.04
N GLY B 304 8.01 20.51 10.38
CA GLY B 304 6.72 20.80 10.98
C GLY B 304 6.50 22.30 11.04
N THR B 305 7.41 23.05 10.42
CA THR B 305 7.33 24.50 10.39
C THR B 305 6.54 24.98 9.16
N VAL B 306 5.47 25.73 9.41
CA VAL B 306 4.61 26.23 8.35
C VAL B 306 4.45 27.75 8.24
N PHE B 307 4.93 28.32 7.14
CA PHE B 307 4.79 29.75 6.86
C PHE B 307 3.79 29.73 5.72
N ALA B 308 2.52 29.63 6.11
CA ALA B 308 1.39 29.54 5.20
C ALA B 308 1.33 30.39 3.94
N ARG B 309 1.74 31.66 4.03
CA ARG B 309 1.66 32.56 2.88
C ARG B 309 1.78 31.90 1.52
N ASN B 310 2.98 31.42 1.20
CA ASN B 310 3.24 30.80 -0.07
C ASN B 310 2.31 29.64 -0.40
N THR B 311 1.92 28.89 0.63
CA THR B 311 1.03 27.75 0.42
C THR B 311 -0.41 28.17 0.12
N ARG B 312 -0.83 29.29 0.71
CA ARG B 312 -2.17 29.82 0.47
C ARG B 312 -2.25 30.33 -0.96
N ARG B 313 -1.21 31.05 -1.38
CA ARG B 313 -1.14 31.61 -2.72
C ARG B 313 -1.21 30.52 -3.79
N ALA B 314 -0.99 29.28 -3.38
CA ALA B 314 -1.04 28.16 -4.30
C ALA B 314 -2.46 27.59 -4.20
N ALA B 315 -2.85 27.28 -2.97
CA ALA B 315 -4.16 26.73 -2.69
C ALA B 315 -5.27 27.64 -3.19
N GLU B 316 -5.20 28.91 -2.80
CA GLU B 316 -6.21 29.89 -3.16
C GLU B 316 -6.35 30.17 -4.65
N VAL B 317 -5.43 29.66 -5.45
CA VAL B 317 -5.50 29.89 -6.88
C VAL B 317 -5.73 28.65 -7.72
N TRP B 318 -5.24 27.49 -7.28
CA TRP B 318 -5.40 26.29 -8.08
C TRP B 318 -6.20 25.12 -7.53
N MET B 319 -6.28 25.03 -6.22
CA MET B 319 -7.00 23.92 -5.62
C MET B 319 -8.52 23.96 -5.67
N ASP B 320 -9.10 25.08 -6.09
CA ASP B 320 -10.55 25.20 -6.12
C ASP B 320 -11.05 24.89 -4.71
N GLU B 321 -12.26 24.35 -4.57
CA GLU B 321 -12.80 24.04 -3.24
C GLU B 321 -11.94 23.07 -2.43
N TYR B 322 -11.12 22.28 -3.12
CA TYR B 322 -10.25 21.32 -2.45
C TYR B 322 -9.28 21.99 -1.48
N LYS B 323 -9.24 23.31 -1.51
CA LYS B 323 -8.36 24.04 -0.62
C LYS B 323 -8.88 23.90 0.80
N ASN B 324 -10.14 23.51 0.93
CA ASN B 324 -10.75 23.36 2.25
C ASN B 324 -10.18 22.17 3.01
N PHE B 325 -9.77 21.16 2.28
CA PHE B 325 -9.18 19.97 2.88
C PHE B 325 -7.85 20.40 3.48
N TYR B 326 -7.16 21.27 2.76
CA TYR B 326 -5.88 21.80 3.21
C TYR B 326 -6.05 22.53 4.54
N TYR B 327 -7.08 23.36 4.62
CA TYR B 327 -7.33 24.10 5.85
C TYR B 327 -7.86 23.17 6.94
N ALA B 328 -8.50 22.09 6.51
CA ALA B 328 -9.02 21.09 7.44
C ALA B 328 -7.84 20.46 8.16
N ALA B 329 -6.75 20.28 7.43
CA ALA B 329 -5.53 19.69 7.99
C ALA B 329 -4.71 20.74 8.71
N VAL B 330 -4.75 21.97 8.21
CA VAL B 330 -4.01 23.07 8.79
C VAL B 330 -4.92 24.27 9.01
N PRO B 331 -5.72 24.25 10.08
CA PRO B 331 -6.65 25.32 10.46
C PRO B 331 -5.97 26.68 10.63
N SER B 332 -4.82 26.66 11.30
CA SER B 332 -4.05 27.87 11.56
C SER B 332 -3.69 28.64 10.29
N ALA B 333 -3.64 27.94 9.17
CA ALA B 333 -3.30 28.58 7.91
C ALA B 333 -4.34 29.59 7.44
N ARG B 334 -5.57 29.46 7.89
CA ARG B 334 -6.63 30.39 7.47
C ARG B 334 -6.39 31.76 8.08
N ASN B 335 -5.57 31.81 9.12
CA ASN B 335 -5.27 33.07 9.79
C ASN B 335 -3.94 33.67 9.36
N VAL B 336 -3.50 33.33 8.15
CA VAL B 336 -2.23 33.87 7.66
C VAL B 336 -2.43 34.64 6.35
N PRO B 337 -2.06 35.92 6.36
CA PRO B 337 -2.18 36.78 5.18
C PRO B 337 -1.34 36.24 4.04
N TYR B 338 -1.79 36.44 2.82
CA TYR B 338 -1.06 35.97 1.65
C TYR B 338 -0.93 37.00 0.54
N GLY B 339 -1.69 38.09 0.65
CA GLY B 339 -1.61 39.11 -0.37
C GLY B 339 -2.63 38.85 -1.46
N ASN B 340 -2.72 39.77 -2.42
CA ASN B 340 -3.67 39.62 -3.51
C ASN B 340 -3.15 38.56 -4.48
N ILE B 341 -4.07 37.89 -5.14
CA ILE B 341 -3.72 36.84 -6.08
C ILE B 341 -4.58 36.99 -7.33
N GLN B 342 -4.94 38.21 -7.64
CA GLN B 342 -5.77 38.50 -8.80
C GLN B 342 -5.00 38.29 -10.11
N SER B 343 -3.79 38.82 -10.17
CA SER B 343 -2.99 38.68 -11.38
C SER B 343 -2.83 37.20 -11.69
N ARG B 344 -2.70 36.38 -10.64
CA ARG B 344 -2.53 34.95 -10.81
C ARG B 344 -3.87 34.35 -11.21
N LEU B 345 -4.91 34.57 -10.41
CA LEU B 345 -6.23 34.05 -10.75
C LEU B 345 -6.56 34.43 -12.17
N GLU B 346 -6.13 35.63 -12.55
CA GLU B 346 -6.36 36.15 -13.88
C GLU B 346 -5.51 35.33 -14.85
N LEU B 347 -4.27 35.06 -14.44
CA LEU B 347 -3.34 34.27 -15.24
C LEU B 347 -3.93 32.91 -15.58
N ARG B 348 -4.54 32.28 -14.58
CA ARG B 348 -5.17 30.98 -14.75
C ARG B 348 -6.30 31.08 -15.77
N LYS B 349 -7.06 32.17 -15.68
CA LYS B 349 -8.18 32.40 -16.59
C LYS B 349 -7.71 32.42 -18.04
N LYS B 350 -6.61 33.10 -18.31
CA LYS B 350 -6.08 33.18 -19.67
C LYS B 350 -5.65 31.83 -20.25
N LEU B 351 -4.82 31.11 -19.49
CA LEU B 351 -4.31 29.84 -19.96
C LEU B 351 -5.38 28.76 -20.05
N SER B 352 -6.58 29.07 -19.55
CA SER B 352 -7.68 28.11 -19.59
C SER B 352 -7.23 26.78 -18.97
N CYS B 353 -6.71 26.88 -17.74
CA CYS B 353 -6.21 25.72 -17.00
C CYS B 353 -7.35 24.88 -16.49
N LYS B 354 -7.21 23.56 -16.61
CA LYS B 354 -8.23 22.64 -16.13
C LYS B 354 -8.35 22.73 -14.61
N PRO B 355 -9.49 22.28 -14.06
CA PRO B 355 -9.76 22.31 -12.62
C PRO B 355 -8.91 21.35 -11.79
N PHE B 356 -8.71 21.72 -10.52
CA PHE B 356 -7.93 20.90 -9.60
C PHE B 356 -8.52 19.51 -9.52
N LYS B 357 -9.85 19.44 -9.60
CA LYS B 357 -10.54 18.15 -9.54
C LYS B 357 -10.01 17.28 -10.67
N TRP B 358 -9.69 17.91 -11.80
CA TRP B 358 -9.18 17.19 -12.95
C TRP B 358 -7.79 16.67 -12.62
N TYR B 359 -7.00 17.55 -12.01
CA TYR B 359 -5.63 17.25 -11.61
C TYR B 359 -5.59 16.01 -10.76
N LEU B 360 -6.47 15.99 -9.77
CA LEU B 360 -6.56 14.85 -8.86
C LEU B 360 -6.88 13.55 -9.61
N GLU B 361 -7.97 13.57 -10.38
CA GLU B 361 -8.39 12.40 -11.14
C GLU B 361 -7.33 11.91 -12.13
N ASN B 362 -6.69 12.84 -12.82
CA ASN B 362 -5.72 12.47 -13.85
C ASN B 362 -4.22 12.56 -13.56
N VAL B 363 -3.83 13.30 -12.54
CA VAL B 363 -2.40 13.41 -12.28
C VAL B 363 -1.99 12.78 -10.96
N TYR B 364 -2.81 12.96 -9.93
CA TYR B 364 -2.48 12.44 -8.60
C TYR B 364 -3.66 11.65 -7.97
N PRO B 365 -4.13 10.60 -8.66
CA PRO B 365 -5.24 9.74 -8.22
C PRO B 365 -4.95 9.03 -6.92
N GLU B 366 -3.71 8.59 -6.76
CA GLU B 366 -3.30 7.88 -5.56
C GLU B 366 -3.55 8.65 -4.25
N LEU B 367 -3.72 9.96 -4.32
CA LEU B 367 -3.98 10.72 -3.10
C LEU B 367 -5.44 10.50 -2.70
N ARG B 368 -5.67 10.01 -1.50
CA ARG B 368 -7.04 9.77 -1.06
C ARG B 368 -7.75 11.05 -0.70
N VAL B 369 -8.81 11.35 -1.43
CA VAL B 369 -9.60 12.55 -1.18
C VAL B 369 -10.88 12.13 -0.45
N PRO B 370 -11.13 12.71 0.74
CA PRO B 370 -12.32 12.38 1.52
C PRO B 370 -13.61 12.76 0.85
N ASP B 371 -14.72 12.41 1.48
CA ASP B 371 -16.03 12.72 0.95
C ASP B 371 -16.34 14.16 1.31
N HIS B 372 -17.07 14.82 0.42
CA HIS B 372 -17.47 16.19 0.65
C HIS B 372 -18.31 16.19 1.93
N GLN B 373 -18.82 15.01 2.29
CA GLN B 373 -19.67 14.87 3.46
C GLN B 373 -19.07 14.10 4.64
N ASP B 374 -17.77 14.25 4.82
CA ASP B 374 -17.09 13.62 5.93
C ASP B 374 -16.81 14.76 6.89
N ILE B 375 -17.09 14.57 8.17
CA ILE B 375 -16.85 15.61 9.16
C ILE B 375 -15.36 15.68 9.45
N ALA B 376 -14.74 14.51 9.56
CA ALA B 376 -13.31 14.40 9.86
C ALA B 376 -12.71 13.28 9.02
N PHE B 377 -11.44 13.38 8.69
CA PHE B 377 -10.83 12.35 7.84
C PHE B 377 -9.36 12.10 8.11
N GLY B 378 -8.84 11.01 7.54
CA GLY B 378 -7.43 10.66 7.69
C GLY B 378 -7.05 9.84 8.92
N ALA B 379 -5.77 9.87 9.29
CA ALA B 379 -5.30 9.14 10.45
C ALA B 379 -5.98 9.67 11.72
N LEU B 380 -6.34 8.76 12.63
CA LEU B 380 -6.97 9.14 13.90
C LEU B 380 -5.92 8.87 14.95
N GLN B 381 -5.15 9.90 15.30
CA GLN B 381 -4.05 9.72 16.22
C GLN B 381 -4.18 10.18 17.66
N GLN B 382 -3.43 9.50 18.50
CA GLN B 382 -3.35 9.78 19.92
C GLN B 382 -1.86 9.85 20.14
N GLY B 383 -1.34 11.05 20.36
CA GLY B 383 0.09 11.19 20.54
C GLY B 383 0.73 10.79 19.22
N THR B 384 1.67 9.86 19.27
CA THR B 384 2.33 9.42 18.05
C THR B 384 1.89 8.02 17.64
N ASN B 385 0.75 7.61 18.17
CA ASN B 385 0.20 6.32 17.79
C ASN B 385 -1.06 6.59 16.97
N CYS B 386 -1.41 5.63 16.12
CA CYS B 386 -2.56 5.76 15.24
C CYS B 386 -3.55 4.61 15.31
N LEU B 387 -4.86 4.93 15.30
CA LEU B 387 -5.90 3.90 15.33
C LEU B 387 -5.64 2.96 14.16
N ASP B 388 -5.63 1.66 14.40
CA ASP B 388 -5.34 0.70 13.34
C ASP B 388 -6.25 -0.53 13.43
N THR B 389 -6.73 -1.02 12.29
CA THR B 389 -7.62 -2.18 12.28
C THR B 389 -6.90 -3.45 12.73
N LEU B 390 -5.58 -3.39 12.78
CA LEU B 390 -4.77 -4.54 13.18
C LEU B 390 -5.00 -5.68 12.20
N GLY B 391 -5.66 -5.38 11.08
CA GLY B 391 -5.93 -6.41 10.11
C GLY B 391 -7.12 -7.27 10.51
N HIS B 392 -7.84 -6.85 11.53
CA HIS B 392 -9.02 -7.57 12.00
C HIS B 392 -10.22 -7.00 11.25
N PHE B 393 -10.32 -7.27 9.96
CA PHE B 393 -11.43 -6.70 9.20
C PHE B 393 -12.79 -7.39 9.35
N ALA B 394 -12.92 -8.33 10.28
CA ALA B 394 -14.20 -9.01 10.44
C ALA B 394 -14.62 -9.18 11.89
N ASP B 395 -15.50 -8.30 12.35
CA ASP B 395 -15.97 -8.34 13.73
C ASP B 395 -14.76 -8.43 14.66
N GLY B 396 -13.72 -7.70 14.33
CA GLY B 396 -12.52 -7.75 15.16
C GLY B 396 -12.31 -6.59 16.11
N VAL B 397 -11.36 -6.78 17.01
CA VAL B 397 -11.02 -5.74 17.96
C VAL B 397 -10.10 -4.77 17.22
N VAL B 398 -10.02 -3.55 17.72
CA VAL B 398 -9.21 -2.54 17.07
C VAL B 398 -8.17 -2.01 18.07
N GLY B 399 -7.00 -1.63 17.57
CA GLY B 399 -5.96 -1.12 18.45
C GLY B 399 -5.19 0.04 17.85
N VAL B 400 -3.91 0.14 18.19
CA VAL B 400 -3.06 1.21 17.66
C VAL B 400 -1.66 0.73 17.30
N TYR B 401 -0.97 1.52 16.49
CA TYR B 401 0.38 1.25 16.04
C TYR B 401 1.05 2.61 16.03
N GLU B 402 2.37 2.67 16.06
CA GLU B 402 2.96 3.99 16.01
C GLU B 402 2.84 4.44 14.56
N CYS B 403 2.34 5.65 14.35
CA CYS B 403 2.11 6.18 13.01
C CYS B 403 3.33 6.20 12.09
N HIS B 404 3.08 5.88 10.83
CA HIS B 404 4.12 5.85 9.81
C HIS B 404 4.19 7.15 9.01
N ASN B 405 5.23 7.95 9.29
CA ASN B 405 5.46 9.23 8.60
C ASN B 405 5.68 9.00 7.12
N GLY B 408 1.67 7.93 4.65
CA GLY B 408 1.40 7.52 6.01
C GLY B 408 0.83 6.11 6.13
N ASN B 409 -0.06 5.92 7.11
CA ASN B 409 -0.67 4.62 7.37
C ASN B 409 -2.22 4.48 7.16
N GLN B 410 -2.95 3.99 8.17
CA GLN B 410 -4.40 3.76 8.02
C GLN B 410 -5.39 4.91 8.24
N GLU B 411 -6.16 5.18 7.20
CA GLU B 411 -7.13 6.28 7.25
C GLU B 411 -8.54 5.90 7.61
N TRP B 412 -9.18 6.81 8.34
CA TRP B 412 -10.56 6.65 8.81
C TRP B 412 -11.36 7.90 8.47
N ALA B 413 -12.68 7.79 8.56
CA ALA B 413 -13.54 8.93 8.27
C ALA B 413 -14.73 9.05 9.20
N LEU B 414 -14.99 10.26 9.67
CA LEU B 414 -16.16 10.47 10.52
C LEU B 414 -17.19 10.98 9.52
N THR B 415 -18.11 10.11 9.11
CA THR B 415 -19.14 10.46 8.13
C THR B 415 -20.20 11.40 8.66
N LYS B 416 -21.03 11.91 7.76
CA LYS B 416 -22.13 12.80 8.13
C LYS B 416 -23.11 12.01 9.02
N GLU B 417 -23.16 10.70 8.82
CA GLU B 417 -24.05 9.83 9.61
C GLU B 417 -23.46 9.61 10.99
N LYS B 418 -22.30 10.22 11.26
CA LYS B 418 -21.66 10.10 12.55
C LYS B 418 -21.04 8.72 12.78
N SER B 419 -20.62 8.08 11.70
CA SER B 419 -19.99 6.76 11.77
C SER B 419 -18.51 6.96 11.57
N VAL B 420 -17.71 6.12 12.21
CA VAL B 420 -16.26 6.19 12.05
C VAL B 420 -15.91 4.96 11.23
N LYS B 421 -15.63 5.15 9.95
CA LYS B 421 -15.33 4.02 9.09
C LYS B 421 -14.01 3.98 8.32
N HIS B 422 -13.67 2.75 7.95
CA HIS B 422 -12.49 2.38 7.18
C HIS B 422 -13.25 1.56 6.12
N MET B 423 -13.28 2.05 4.88
CA MET B 423 -14.05 1.38 3.84
C MET B 423 -15.45 1.15 4.39
N ASP B 424 -16.02 -0.03 4.18
CA ASP B 424 -17.38 -0.28 4.67
C ASP B 424 -17.46 -0.83 6.10
N LEU B 425 -16.37 -0.69 6.85
CA LEU B 425 -16.35 -1.15 8.24
C LEU B 425 -16.53 0.02 9.20
N CYS B 426 -17.26 -0.22 10.27
CA CYS B 426 -17.56 0.81 11.28
C CYS B 426 -17.14 0.44 12.70
N LEU B 427 -16.69 1.45 13.46
CA LEU B 427 -16.31 1.25 14.86
C LEU B 427 -17.62 1.15 15.62
N THR B 428 -17.91 -0.05 16.12
CA THR B 428 -19.16 -0.34 16.81
C THR B 428 -19.02 -0.56 18.30
N VAL B 429 -20.01 -0.12 19.04
CA VAL B 429 -20.00 -0.33 20.48
C VAL B 429 -20.86 -1.57 20.67
N VAL B 430 -20.23 -2.74 20.79
CA VAL B 430 -21.01 -3.95 20.99
C VAL B 430 -21.88 -3.75 22.22
N ASP B 431 -21.28 -3.45 23.37
CA ASP B 431 -22.13 -3.18 24.53
C ASP B 431 -21.59 -1.96 25.29
N ARG B 432 -22.50 -1.14 25.81
CA ARG B 432 -22.08 0.08 26.51
C ARG B 432 -21.59 0.01 27.95
N ALA B 433 -21.26 -1.17 28.45
CA ALA B 433 -20.73 -1.26 29.81
C ALA B 433 -19.31 -0.69 29.73
N PRO B 434 -18.90 0.10 30.73
CA PRO B 434 -17.55 0.64 30.65
C PRO B 434 -16.49 -0.45 30.63
N GLY B 435 -15.41 -0.21 29.90
CA GLY B 435 -14.34 -1.17 29.83
C GLY B 435 -14.50 -2.15 28.69
N SER B 436 -15.67 -2.12 28.06
CA SER B 436 -15.96 -3.03 26.95
C SER B 436 -15.16 -2.73 25.69
N LEU B 437 -14.71 -3.79 25.04
CA LEU B 437 -13.95 -3.61 23.82
C LEU B 437 -14.90 -3.21 22.72
N ILE B 438 -14.44 -2.38 21.78
CA ILE B 438 -15.33 -2.02 20.69
C ILE B 438 -15.01 -2.99 19.56
N LYS B 439 -15.83 -3.00 18.52
CA LYS B 439 -15.62 -3.91 17.41
C LYS B 439 -15.73 -3.24 16.05
N LEU B 440 -14.97 -3.74 15.09
CA LEU B 440 -15.01 -3.20 13.73
C LEU B 440 -16.00 -4.09 12.98
N GLN B 441 -17.22 -3.59 12.77
CA GLN B 441 -18.24 -4.38 12.08
C GLN B 441 -18.78 -3.68 10.83
N GLY B 442 -19.57 -4.41 10.04
CA GLY B 442 -20.14 -3.82 8.85
C GLY B 442 -21.03 -2.66 9.24
N CYS B 443 -20.87 -1.55 8.54
CA CYS B 443 -21.64 -0.36 8.80
C CYS B 443 -23.11 -0.60 8.50
N ARG B 444 -23.98 -0.31 9.46
CA ARG B 444 -25.42 -0.45 9.25
C ARG B 444 -26.05 0.95 9.23
N GLU B 445 -27.06 1.13 8.37
CA GLU B 445 -27.77 2.41 8.21
C GLU B 445 -27.88 3.30 9.45
N ASN B 446 -29.05 3.36 10.08
CA ASN B 446 -29.20 4.20 11.27
C ASN B 446 -28.92 3.41 12.56
N ASP B 447 -27.80 2.69 12.58
CA ASP B 447 -27.44 1.91 13.77
C ASP B 447 -26.77 2.77 14.83
N SER B 448 -27.40 2.84 15.99
CA SER B 448 -26.90 3.66 17.09
C SER B 448 -25.59 3.15 17.68
N ARG B 449 -25.33 1.84 17.56
CA ARG B 449 -24.11 1.24 18.07
C ARG B 449 -22.85 1.76 17.34
N GLN B 450 -23.04 2.36 16.17
CA GLN B 450 -21.90 2.86 15.40
C GLN B 450 -21.85 4.37 15.21
N LYS B 451 -22.62 5.11 16.00
CA LYS B 451 -22.63 6.56 15.89
C LYS B 451 -21.72 7.22 16.91
N TRP B 452 -20.81 8.07 16.42
CA TRP B 452 -19.86 8.77 17.28
C TRP B 452 -19.84 10.27 17.02
N GLU B 453 -19.25 11.01 17.95
CA GLU B 453 -19.15 12.46 17.81
C GLU B 453 -17.88 12.99 18.46
N GLN B 454 -17.39 14.09 17.90
CA GLN B 454 -16.20 14.74 18.45
C GLN B 454 -16.66 15.69 19.54
N ILE B 455 -15.93 15.71 20.65
CA ILE B 455 -16.28 16.63 21.71
C ILE B 455 -14.99 17.34 22.09
N GLU B 456 -15.09 18.25 23.05
CA GLU B 456 -13.93 19.01 23.52
C GLU B 456 -13.02 19.49 22.40
N GLY B 457 -13.63 20.04 21.35
CA GLY B 457 -12.88 20.59 20.24
C GLY B 457 -12.12 19.59 19.38
N ASN B 458 -12.85 18.65 18.80
CA ASN B 458 -12.25 17.64 17.94
C ASN B 458 -11.04 16.97 18.59
N SER B 459 -11.11 16.74 19.91
CA SER B 459 -10.00 16.11 20.62
C SER B 459 -10.30 14.71 21.15
N LYS B 460 -11.52 14.22 20.90
CA LYS B 460 -11.88 12.87 21.33
C LYS B 460 -13.18 12.38 20.72
N LEU B 461 -13.43 11.07 20.83
CA LEU B 461 -14.64 10.46 20.26
C LEU B 461 -15.56 9.89 21.32
N ARG B 462 -16.73 10.52 21.46
CA ARG B 462 -17.71 10.05 22.43
C ARG B 462 -18.80 9.33 21.65
N HIS B 463 -19.22 8.19 22.18
CA HIS B 463 -20.28 7.39 21.59
C HIS B 463 -21.59 8.16 21.77
N VAL B 464 -22.14 8.68 20.66
CA VAL B 464 -23.37 9.47 20.70
C VAL B 464 -24.48 8.78 21.48
N GLY B 465 -25.00 9.50 22.46
CA GLY B 465 -26.08 8.96 23.29
C GLY B 465 -25.57 8.28 24.54
N SER B 466 -24.41 8.71 25.02
CA SER B 466 -23.84 8.11 26.23
C SER B 466 -22.75 9.01 26.81
N ASN B 467 -22.11 8.53 27.87
CA ASN B 467 -21.03 9.27 28.51
C ASN B 467 -19.75 8.45 28.29
N LEU B 468 -19.78 7.62 27.24
CA LEU B 468 -18.66 6.77 26.91
C LEU B 468 -17.77 7.36 25.82
N CYS B 469 -16.46 7.28 26.04
CA CYS B 469 -15.49 7.78 25.10
C CYS B 469 -14.55 6.65 24.66
N LEU B 470 -14.00 6.79 23.45
CA LEU B 470 -13.05 5.79 22.94
C LEU B 470 -11.82 5.89 23.85
N ASP B 471 -11.26 4.75 24.27
CA ASP B 471 -10.11 4.75 25.17
C ASP B 471 -9.03 3.70 24.85
N SER B 472 -7.78 4.03 25.12
CA SER B 472 -6.65 3.12 24.85
C SER B 472 -6.23 2.32 26.09
N ARG B 473 -6.69 2.76 27.25
CA ARG B 473 -6.35 2.11 28.51
C ARG B 473 -6.28 0.57 28.45
N THR B 474 -6.95 -0.03 27.48
CA THR B 474 -6.98 -1.48 27.37
C THR B 474 -6.34 -2.04 26.09
N ALA B 475 -5.64 -1.19 25.35
CA ALA B 475 -5.00 -1.59 24.11
C ALA B 475 -4.19 -2.88 24.24
N LYS B 476 -3.61 -3.10 25.42
CA LYS B 476 -2.81 -4.29 25.66
C LYS B 476 -3.65 -5.44 26.21
N SER B 477 -4.78 -5.08 26.81
CA SER B 477 -5.69 -6.05 27.42
C SER B 477 -6.68 -6.63 26.41
N GLY B 478 -6.59 -6.24 25.15
CA GLY B 478 -7.52 -6.78 24.18
C GLY B 478 -7.89 -5.82 23.08
N GLY B 479 -7.60 -4.54 23.29
CA GLY B 479 -7.91 -3.55 22.28
C GLY B 479 -8.60 -2.32 22.80
N LEU B 480 -8.89 -1.39 21.90
CA LEU B 480 -9.55 -0.14 22.28
C LEU B 480 -10.88 -0.48 22.92
N SER B 481 -11.24 0.32 23.92
CA SER B 481 -12.48 0.09 24.65
C SER B 481 -13.30 1.34 24.74
N VAL B 482 -14.52 1.15 25.25
CA VAL B 482 -15.43 2.25 25.46
C VAL B 482 -15.21 2.46 26.96
N GLU B 483 -15.22 3.70 27.41
CA GLU B 483 -14.98 4.00 28.80
C GLU B 483 -15.76 5.25 29.14
N VAL B 484 -16.08 5.46 30.42
CA VAL B 484 -16.82 6.66 30.78
C VAL B 484 -15.86 7.83 30.54
N CYS B 485 -16.32 8.82 29.77
CA CYS B 485 -15.50 9.98 29.42
C CYS B 485 -14.82 10.64 30.62
N GLY B 486 -13.53 10.95 30.47
CA GLY B 486 -12.78 11.56 31.53
C GLY B 486 -11.53 12.23 31.00
N PRO B 487 -10.70 12.80 31.89
CA PRO B 487 -9.45 13.50 31.56
C PRO B 487 -8.35 12.65 30.89
N ALA B 488 -8.33 11.35 31.18
CA ALA B 488 -7.33 10.42 30.63
C ALA B 488 -6.79 10.76 29.23
N LEU B 489 -5.46 10.74 29.09
CA LEU B 489 -4.84 11.03 27.81
C LEU B 489 -5.22 9.98 26.78
N SER B 490 -5.48 8.76 27.25
CA SER B 490 -5.84 7.67 26.35
C SER B 490 -7.23 7.82 25.76
N GLN B 491 -7.84 8.99 25.97
CA GLN B 491 -9.16 9.30 25.43
C GLN B 491 -9.02 10.46 24.45
N GLN B 492 -7.78 10.74 24.07
CA GLN B 492 -7.51 11.81 23.13
C GLN B 492 -7.38 11.16 21.76
N TRP B 493 -8.11 11.69 20.78
CA TRP B 493 -8.03 11.18 19.43
C TRP B 493 -8.20 12.39 18.53
N LYS B 494 -7.30 12.51 17.55
CA LYS B 494 -7.29 13.65 16.65
C LYS B 494 -7.19 13.20 15.20
N PHE B 495 -8.15 13.61 14.38
CA PHE B 495 -8.13 13.26 12.96
C PHE B 495 -7.14 14.21 12.30
N THR B 496 -6.45 13.76 11.26
CA THR B 496 -5.48 14.63 10.58
C THR B 496 -6.19 15.89 10.06
N LEU B 497 -7.41 15.73 9.57
CA LEU B 497 -8.16 16.89 9.11
C LEU B 497 -9.60 16.86 9.56
N ASN B 498 -9.97 17.91 10.28
CA ASN B 498 -11.31 18.07 10.81
C ASN B 498 -11.95 19.17 9.99
N LEU B 499 -12.97 18.81 9.22
CA LEU B 499 -13.65 19.79 8.38
C LEU B 499 -14.63 20.53 9.28
N GLN B 500 -14.36 20.52 10.58
CA GLN B 500 -15.22 21.18 11.56
C GLN B 500 -14.50 22.36 12.22
#